data_9C0U
#
_entry.id   9C0U
#
_cell.length_a   162.079
_cell.length_b   162.079
_cell.length_c   162.079
_cell.angle_alpha   90.00
_cell.angle_beta   90.00
_cell.angle_gamma   90.00
#
_symmetry.space_group_name_H-M   'P 21 3'
#
loop_
_entity.id
_entity.type
_entity.pdbx_description
1 polymer Hemagglutinin
2 polymer 'Antibody 31.b.09 Fab heavy chain'
3 polymer 'Antibody 31.b.09 Fab light chain'
4 branched beta-D-mannopyranose-(1-4)-2-acetamido-2-deoxy-beta-D-glucopyranose-(1-4)-2-acetamido-2-deoxy-beta-D-glucopyranose
5 branched 2-acetamido-2-deoxy-beta-D-glucopyranose-(1-4)-2-acetamido-2-deoxy-beta-D-glucopyranose
6 non-polymer 2-acetamido-2-deoxy-beta-D-glucopyranose
#
loop_
_entity_poly.entity_id
_entity_poly.type
_entity_poly.pdbx_seq_one_letter_code
_entity_poly.pdbx_strand_id
1 'polypeptide(L)'
;GDTLCIGYHANNSTDTVDTVLEKNVTVTHSVNLLEDKHNGKLCDLDGVKPLILRDCSVAGWLLGNPMCDEFINVPEWSYI
VEKANPVNDLCYPGDFNDYEELKHLLSRINHFEKIQIIPKSSWSSHEASLGVSSACPYQGKSSFFRNVVWLIKKNSTYPT
IKRSYNNTNQEDLLVLWGIHHPNDAAEQTKLYQNPTTYISVGTSTLNQRLVPRIATRSKVNGQSGRMEFFWTILKPNDAI
NFESNGNFIAPEYAYKIVKKGDSTIMKSELEYGNCNTTCQTPKGAINTSLPFQNIHPITIGKCPKYVKSTKLRLATGLRN
VPSIQSRGLFGAIAGFIEGGWTGMVDGWYGYHHQNEQGSGYAADLKSTQNAIDGITNKVNSVIEKMNTQFTAVGKEFNHL
EKRIENLNKKVDDGFLDIWTYNAELLVLLENERTLDYHDSNVKNLYEKVRSQLKNNAKEIGNGCFEFYHKCDNTCMESVK
NGTYDYPKYSEEAKLNREEIDSGR
;
B,A
2 'polypeptide(L)'
;QVQLVQSGAEVKKPGASVKVSCKASGYSFSSYGISWVRQAPGQGLEWMGWISAYNGNTNYAQKLQGRVTMTTDTSTSTAY
MELRSLRSDDTAVFYCARDRPHILTGFDFDYWGQGTLVTVSSASTKGPSVFPLAPSSKSTSGGTAALGCLVKDYFPEPVT
VSWNSGALTSGVHTFPAVLQSSGLYSLSSVVTVPSSSLGTQTYICNVNHKPSNTKVDKRVEPKS
;
H
3 'polypeptide(L)'
;DVVMTQSPVSLPVTLGQPASISCRSSQGLVYIDGNTYLNWFQQRPGQSPRRLIYNVFTRDSGVPDRFSGSGSGTDFTLKI
TTVEAEDVGVYYCMQGTHWPYTFGQGTKLEIKRTVAAPSVFIFPPSDEQLKSGTASVVCLLNNFYPREAKVQWKVDNALQ
SGNSQESVTEQDSKDSTYSLSSTLTLSKADYEKHKVYACEVTHQGLSSPVTKSFNRGE
;
L
#
loop_
_chem_comp.id
_chem_comp.type
_chem_comp.name
_chem_comp.formula
BMA D-saccharide, beta linking beta-D-mannopyranose 'C6 H12 O6'
NAG D-saccharide, beta linking 2-acetamido-2-deoxy-beta-D-glucopyranose 'C8 H15 N O6'
#
# COMPACT_ATOMS: atom_id res chain seq x y z
N ILE A 337 -41.33 -11.92 13.22
CA ILE A 337 -40.15 -12.20 14.02
C ILE A 337 -39.75 -10.93 14.77
N GLU A 338 -40.20 -10.82 16.03
CA GLU A 338 -39.93 -9.64 16.84
C GLU A 338 -38.79 -9.85 17.84
N GLY A 339 -38.07 -10.96 17.74
CA GLY A 339 -36.97 -11.22 18.65
C GLY A 339 -35.69 -11.64 17.96
N GLY A 340 -34.57 -11.02 18.36
CA GLY A 340 -33.29 -11.37 17.77
C GLY A 340 -32.69 -12.63 18.36
N TRP A 341 -31.82 -13.27 17.58
CA TRP A 341 -31.16 -14.51 17.95
C TRP A 341 -29.68 -14.25 18.19
N THR A 342 -29.24 -14.43 19.43
CA THR A 342 -27.82 -14.25 19.74
C THR A 342 -27.00 -15.45 19.30
N GLY A 343 -27.59 -16.66 19.30
CA GLY A 343 -26.86 -17.85 18.93
C GLY A 343 -26.48 -17.93 17.46
N MET A 344 -27.14 -17.15 16.60
CA MET A 344 -26.87 -17.15 15.16
C MET A 344 -25.75 -16.19 14.79
N VAL A 345 -24.57 -16.44 15.37
CA VAL A 345 -23.38 -15.53 15.13
C VAL A 345 -22.66 -15.85 13.80
N ASP A 346 -23.12 -16.85 13.07
CA ASP A 346 -22.52 -17.12 11.75
C ASP A 346 -23.02 -16.21 10.62
N GLY A 347 -24.34 -16.03 10.54
CA GLY A 347 -24.92 -15.18 9.50
C GLY A 347 -26.14 -14.43 10.01
N TRP A 348 -26.62 -13.46 9.25
CA TRP A 348 -27.76 -12.65 9.68
C TRP A 348 -29.03 -13.48 9.78
N TYR A 349 -29.49 -13.99 8.64
CA TYR A 349 -30.75 -14.70 8.55
C TYR A 349 -30.52 -16.20 8.75
N GLY A 350 -31.28 -16.79 9.66
CA GLY A 350 -31.07 -18.20 9.98
C GLY A 350 -32.33 -18.87 10.47
N TYR A 351 -32.23 -20.20 10.58
CA TYR A 351 -33.32 -21.06 11.00
C TYR A 351 -32.90 -21.80 12.26
N HIS A 352 -33.83 -22.00 13.20
CA HIS A 352 -33.56 -22.81 14.39
C HIS A 352 -34.26 -24.15 14.22
N HIS A 353 -33.51 -25.12 13.71
CA HIS A 353 -34.04 -26.46 13.48
C HIS A 353 -34.25 -27.18 14.80
N GLN A 354 -35.36 -27.91 14.91
CA GLN A 354 -35.63 -28.74 16.08
C GLN A 354 -36.22 -30.06 15.62
N ASN A 355 -35.49 -31.15 15.85
CA ASN A 355 -35.92 -32.50 15.55
C ASN A 355 -35.99 -33.30 16.84
N GLU A 356 -36.56 -34.51 16.77
CA GLU A 356 -36.47 -35.43 17.90
C GLU A 356 -35.04 -35.59 18.38
N GLN A 357 -34.08 -35.40 17.49
CA GLN A 357 -32.69 -35.60 17.87
C GLN A 357 -32.17 -34.40 18.67
N GLY A 358 -32.59 -33.19 18.31
CA GLY A 358 -32.01 -32.03 18.99
C GLY A 358 -32.39 -30.68 18.42
N SER A 359 -31.71 -29.63 18.89
CA SER A 359 -32.02 -28.26 18.44
C SER A 359 -30.79 -27.44 18.11
N GLY A 360 -30.75 -26.84 16.92
CA GLY A 360 -29.62 -26.01 16.56
C GLY A 360 -30.00 -24.75 15.81
N TYR A 361 -29.00 -23.87 15.65
CA TYR A 361 -29.15 -22.58 14.96
C TYR A 361 -28.34 -22.61 13.67
N ALA A 362 -29.00 -22.83 12.54
CA ALA A 362 -28.35 -22.91 11.24
C ALA A 362 -28.70 -21.69 10.40
N ALA A 363 -27.68 -20.92 10.00
CA ALA A 363 -27.90 -19.75 9.16
C ALA A 363 -28.08 -20.15 7.71
N ASP A 364 -28.91 -19.40 6.99
CA ASP A 364 -29.10 -19.64 5.56
C ASP A 364 -27.94 -19.03 4.80
N LEU A 365 -27.23 -19.87 4.05
CA LEU A 365 -25.94 -19.45 3.49
C LEU A 365 -26.14 -18.49 2.31
N LYS A 366 -27.04 -18.84 1.39
CA LYS A 366 -27.24 -18.03 0.20
C LYS A 366 -27.80 -16.66 0.55
N SER A 367 -28.79 -16.61 1.44
CA SER A 367 -29.37 -15.33 1.82
C SER A 367 -28.33 -14.40 2.44
N THR A 368 -27.59 -14.90 3.43
CA THR A 368 -26.59 -14.06 4.10
C THR A 368 -25.51 -13.62 3.14
N GLN A 369 -24.97 -14.55 2.35
CA GLN A 369 -23.85 -14.22 1.48
C GLN A 369 -24.26 -13.21 0.41
N ASN A 370 -25.37 -13.45 -0.27
CA ASN A 370 -25.83 -12.50 -1.29
C ASN A 370 -26.12 -11.14 -0.69
N ALA A 371 -26.77 -11.11 0.47
CA ALA A 371 -27.05 -9.84 1.13
C ALA A 371 -25.76 -9.13 1.52
N ILE A 372 -24.78 -9.87 2.04
CA ILE A 372 -23.49 -9.28 2.39
C ILE A 372 -22.82 -8.67 1.17
N ASP A 373 -22.90 -9.36 0.02
CA ASP A 373 -22.33 -8.81 -1.21
C ASP A 373 -22.98 -7.50 -1.59
N GLY A 374 -24.32 -7.43 -1.52
CA GLY A 374 -25.01 -6.21 -1.90
C GLY A 374 -24.76 -5.06 -0.93
N ILE A 375 -24.79 -5.36 0.38
CA ILE A 375 -24.56 -4.32 1.38
C ILE A 375 -23.15 -3.75 1.26
N THR A 376 -22.16 -4.64 1.08
CA THR A 376 -20.78 -4.18 0.95
C THR A 376 -20.61 -3.28 -0.27
N ASN A 377 -21.24 -3.65 -1.40
CA ASN A 377 -21.13 -2.83 -2.59
C ASN A 377 -21.80 -1.48 -2.40
N LYS A 378 -22.95 -1.47 -1.71
CA LYS A 378 -23.58 -0.19 -1.34
C LYS A 378 -22.62 0.68 -0.56
N VAL A 379 -21.93 0.09 0.43
CA VAL A 379 -21.04 0.86 1.29
C VAL A 379 -19.93 1.49 0.47
N ASN A 380 -19.19 0.67 -0.30
CA ASN A 380 -18.06 1.19 -1.06
C ASN A 380 -18.52 2.20 -2.10
N SER A 381 -19.68 1.96 -2.73
CA SER A 381 -20.15 2.90 -3.74
C SER A 381 -20.57 4.21 -3.10
N VAL A 382 -21.24 4.14 -1.96
CA VAL A 382 -21.64 5.39 -1.26
C VAL A 382 -20.38 6.20 -0.97
N ILE A 383 -19.28 5.54 -0.63
CA ILE A 383 -18.05 6.30 -0.26
C ILE A 383 -17.75 7.29 -1.38
N GLU A 384 -17.86 6.84 -2.63
CA GLU A 384 -17.52 7.72 -3.77
C GLU A 384 -18.26 9.01 -3.41
N LYS A 385 -17.51 10.10 -3.24
CA LYS A 385 -18.12 11.42 -2.95
C LYS A 385 -17.65 12.37 -4.05
N MET A 386 -16.51 12.06 -4.66
CA MET A 386 -16.03 12.90 -5.81
C MET A 386 -16.24 14.36 -5.62
N ASN A 387 -15.58 14.93 -4.59
CA ASN A 387 -15.64 16.43 -4.36
C ASN A 387 -15.22 17.13 -5.65
N THR A 388 -15.61 18.41 -5.78
CA THR A 388 -15.22 19.20 -6.97
C THR A 388 -13.69 19.25 -7.08
N GLN A 389 -13.17 19.46 -8.29
CA GLN A 389 -11.69 19.46 -8.49
C GLN A 389 -11.10 20.57 -7.66
N PHE A 390 -9.78 20.50 -7.39
CA PHE A 390 -9.07 21.57 -6.62
C PHE A 390 -8.72 22.55 -7.76
N THR A 391 -9.59 23.54 -8.01
CA THR A 391 -9.38 24.46 -9.16
C THR A 391 -8.44 25.62 -8.77
N ALA A 392 -7.52 25.41 -7.83
CA ALA A 392 -6.57 26.47 -7.45
C ALA A 392 -7.34 27.79 -7.41
N VAL A 393 -8.31 27.90 -6.50
CA VAL A 393 -9.15 29.09 -6.51
C VAL A 393 -8.99 29.89 -5.21
N GLY A 394 -8.48 31.12 -5.34
CA GLY A 394 -8.48 32.12 -4.25
C GLY A 394 -8.31 33.51 -4.86
N LYS A 395 -9.04 34.49 -4.30
CA LYS A 395 -8.90 35.91 -4.65
C LYS A 395 -9.18 36.67 -3.36
N GLU A 396 -8.89 37.97 -3.35
CA GLU A 396 -9.14 38.85 -2.22
C GLU A 396 -9.51 40.22 -2.70
N PHE A 397 -9.98 41.10 -1.80
CA PHE A 397 -10.29 42.47 -2.21
C PHE A 397 -9.23 43.28 -2.95
N ASN A 398 -7.95 42.91 -2.84
CA ASN A 398 -6.85 43.57 -3.57
C ASN A 398 -6.83 45.08 -3.28
N HIS A 399 -7.36 45.47 -2.12
CA HIS A 399 -7.46 46.85 -1.66
C HIS A 399 -8.43 47.67 -2.52
N LEU A 400 -8.99 47.04 -3.55
CA LEU A 400 -9.95 47.74 -4.46
C LEU A 400 -11.32 47.07 -4.35
N GLU A 401 -11.64 46.49 -3.20
CA GLU A 401 -12.95 45.83 -2.97
C GLU A 401 -13.22 44.79 -4.06
N LYS A 402 -12.22 43.97 -4.38
CA LYS A 402 -12.45 42.84 -5.33
C LYS A 402 -13.15 41.74 -4.52
N ARG A 403 -14.47 41.85 -4.35
CA ARG A 403 -15.23 40.89 -3.51
C ARG A 403 -15.11 39.48 -4.09
N ILE A 404 -14.43 39.32 -5.22
CA ILE A 404 -14.21 37.94 -5.75
C ILE A 404 -13.86 37.10 -4.53
N GLU A 405 -13.06 37.66 -3.63
CA GLU A 405 -12.77 36.93 -2.36
C GLU A 405 -14.00 36.54 -1.60
N ASN A 406 -14.90 37.48 -1.34
CA ASN A 406 -16.07 37.15 -0.49
C ASN A 406 -17.02 36.33 -1.32
N LEU A 407 -17.01 36.49 -2.64
CA LEU A 407 -17.76 35.58 -3.50
C LEU A 407 -17.18 34.18 -3.41
N ASN A 408 -15.92 34.00 -3.79
CA ASN A 408 -15.30 32.69 -3.72
C ASN A 408 -15.35 32.11 -2.31
N LYS A 409 -15.29 32.97 -1.29
CA LYS A 409 -15.44 32.50 0.08
C LYS A 409 -16.80 31.83 0.27
N LYS A 410 -17.89 32.60 0.17
CA LYS A 410 -19.24 32.04 0.22
C LYS A 410 -19.39 30.78 -0.62
N VAL A 411 -18.87 30.81 -1.85
CA VAL A 411 -19.03 29.70 -2.78
C VAL A 411 -18.53 28.41 -2.14
N ASP A 412 -17.34 28.45 -1.54
CA ASP A 412 -16.81 27.28 -0.86
C ASP A 412 -17.56 27.01 0.44
N ASP A 413 -17.84 28.06 1.23
CA ASP A 413 -18.62 27.88 2.44
C ASP A 413 -20.04 27.42 2.14
N GLY A 414 -20.60 27.85 1.00
CA GLY A 414 -21.93 27.43 0.62
C GLY A 414 -21.98 26.05 0.01
N PHE A 415 -20.94 25.65 -0.73
CA PHE A 415 -20.87 24.26 -1.18
C PHE A 415 -20.76 23.31 0.00
N LEU A 416 -20.01 23.71 1.03
CA LEU A 416 -20.05 22.88 2.25
C LEU A 416 -21.28 23.34 3.05
N ASP A 417 -21.74 22.54 4.01
CA ASP A 417 -23.00 22.87 4.81
C ASP A 417 -24.17 22.63 3.83
N ILE A 418 -23.90 22.46 2.54
CA ILE A 418 -24.98 22.06 1.60
C ILE A 418 -24.66 20.61 1.23
N TRP A 419 -23.45 20.35 0.74
CA TRP A 419 -23.04 18.96 0.42
C TRP A 419 -23.04 18.14 1.72
N THR A 420 -22.54 18.71 2.81
CA THR A 420 -22.52 18.00 4.12
C THR A 420 -23.96 17.61 4.49
N TYR A 421 -24.88 18.57 4.50
CA TYR A 421 -26.31 18.22 4.77
C TYR A 421 -26.72 17.14 3.78
N ASN A 422 -26.48 17.38 2.49
CA ASN A 422 -26.89 16.42 1.48
C ASN A 422 -26.28 15.05 1.75
N ALA A 423 -25.04 15.02 2.23
CA ALA A 423 -24.40 13.75 2.53
C ALA A 423 -25.03 13.09 3.75
N GLU A 424 -25.36 13.88 4.77
CA GLU A 424 -26.07 13.34 5.93
C GLU A 424 -27.36 12.66 5.51
N LEU A 425 -28.06 13.26 4.54
CA LEU A 425 -29.29 12.67 4.03
C LEU A 425 -29.02 11.33 3.36
N LEU A 426 -27.96 11.27 2.54
CA LEU A 426 -27.66 10.04 1.82
C LEU A 426 -27.29 8.92 2.76
N VAL A 427 -26.57 9.24 3.85
CA VAL A 427 -26.31 8.25 4.89
C VAL A 427 -27.63 7.74 5.46
N LEU A 428 -28.49 8.66 5.92
CA LEU A 428 -29.78 8.28 6.49
C LEU A 428 -30.59 7.46 5.50
N LEU A 429 -30.59 7.88 4.23
CA LEU A 429 -31.28 7.15 3.17
C LEU A 429 -30.79 5.71 3.08
N GLU A 430 -29.50 5.54 2.80
CA GLU A 430 -28.93 4.20 2.68
C GLU A 430 -29.13 3.38 3.94
N ASN A 431 -29.07 4.07 5.08
CA ASN A 431 -29.27 3.36 6.37
C ASN A 431 -30.62 2.64 6.28
N GLU A 432 -31.70 3.37 6.02
CA GLU A 432 -33.05 2.75 6.02
C GLU A 432 -33.11 1.65 4.97
N ARG A 433 -32.58 1.91 3.78
CA ARG A 433 -32.66 0.94 2.70
C ARG A 433 -32.01 -0.38 3.08
N THR A 434 -30.90 -0.32 3.82
CA THR A 434 -30.30 -1.57 4.32
C THR A 434 -31.24 -2.22 5.33
N LEU A 435 -31.87 -1.42 6.19
CA LEU A 435 -32.72 -1.99 7.23
C LEU A 435 -33.96 -2.67 6.65
N ASP A 436 -34.62 -2.03 5.69
CA ASP A 436 -35.81 -2.64 5.08
C ASP A 436 -35.43 -3.78 4.15
N TYR A 437 -34.26 -3.69 3.50
CA TYR A 437 -33.73 -4.82 2.76
C TYR A 437 -33.61 -6.04 3.67
N HIS A 438 -33.10 -5.84 4.89
CA HIS A 438 -32.98 -6.93 5.85
C HIS A 438 -34.36 -7.52 6.18
N ASP A 439 -35.32 -6.66 6.50
CA ASP A 439 -36.67 -7.15 6.80
C ASP A 439 -37.27 -7.90 5.61
N SER A 440 -36.95 -7.47 4.39
CA SER A 440 -37.48 -8.15 3.22
C SER A 440 -36.88 -9.54 3.07
N ASN A 441 -35.58 -9.68 3.32
CA ASN A 441 -34.95 -11.00 3.24
C ASN A 441 -35.55 -11.95 4.27
N VAL A 442 -35.83 -11.45 5.47
CA VAL A 442 -36.52 -12.24 6.49
C VAL A 442 -37.82 -12.80 5.92
N LYS A 443 -38.68 -11.91 5.42
CA LYS A 443 -40.00 -12.32 4.95
C LYS A 443 -39.92 -13.23 3.75
N ASN A 444 -38.90 -13.04 2.89
CA ASN A 444 -38.73 -13.91 1.74
C ASN A 444 -38.41 -15.33 2.17
N LEU A 445 -37.56 -15.49 3.18
CA LEU A 445 -37.24 -16.84 3.67
C LEU A 445 -38.44 -17.49 4.33
N TYR A 446 -39.25 -16.71 5.04
CA TYR A 446 -40.43 -17.27 5.68
C TYR A 446 -41.44 -17.75 4.65
N GLU A 447 -41.55 -17.02 3.53
CA GLU A 447 -42.43 -17.48 2.44
C GLU A 447 -41.86 -18.72 1.76
N LYS A 448 -40.53 -18.80 1.66
CA LYS A 448 -39.89 -19.99 1.09
C LYS A 448 -40.28 -21.24 1.86
N VAL A 449 -40.19 -21.18 3.19
CA VAL A 449 -40.48 -22.35 4.02
C VAL A 449 -41.97 -22.63 4.03
N ARG A 450 -42.81 -21.59 3.99
CA ARG A 450 -44.25 -21.78 3.88
C ARG A 450 -44.60 -22.48 2.57
N SER A 451 -43.99 -22.03 1.47
CA SER A 451 -44.29 -22.61 0.16
C SER A 451 -43.95 -24.10 0.12
N GLN A 452 -42.80 -24.48 0.69
CA GLN A 452 -42.41 -25.88 0.68
C GLN A 452 -43.30 -26.70 1.61
N LEU A 453 -43.52 -26.21 2.84
CA LEU A 453 -44.22 -27.03 3.83
C LEU A 453 -45.72 -27.09 3.57
N LYS A 454 -46.33 -25.97 3.14
CA LYS A 454 -47.78 -25.89 2.88
C LYS A 454 -48.53 -26.35 4.12
N ASN A 455 -49.56 -27.20 3.99
CA ASN A 455 -50.37 -27.67 5.10
C ASN A 455 -49.76 -28.88 5.80
N ASN A 456 -48.48 -29.16 5.60
CA ASN A 456 -47.79 -30.20 6.36
C ASN A 456 -47.28 -29.71 7.71
N ALA A 457 -47.63 -28.47 8.11
CA ALA A 457 -47.18 -27.90 9.36
C ALA A 457 -48.14 -26.80 9.77
N LYS A 458 -48.01 -26.37 11.04
CA LYS A 458 -48.78 -25.26 11.59
C LYS A 458 -47.90 -24.04 11.75
N GLU A 459 -48.39 -22.88 11.30
CA GLU A 459 -47.73 -21.61 11.56
C GLU A 459 -48.07 -21.20 12.99
N ILE A 460 -47.08 -21.26 13.89
CA ILE A 460 -47.30 -20.97 15.30
C ILE A 460 -46.11 -20.19 15.85
N GLY A 461 -46.38 -19.30 16.81
CA GLY A 461 -45.32 -18.51 17.40
C GLY A 461 -44.94 -17.33 16.51
N ASN A 462 -43.71 -16.86 16.70
CA ASN A 462 -43.15 -15.80 15.86
C ASN A 462 -42.25 -16.47 14.82
N GLY A 463 -42.88 -16.90 13.73
CA GLY A 463 -42.16 -17.57 12.66
C GLY A 463 -41.63 -18.94 13.06
N CYS A 464 -42.51 -19.80 13.53
CA CYS A 464 -42.15 -21.17 13.85
C CYS A 464 -43.10 -22.12 13.14
N PHE A 465 -42.57 -23.19 12.58
CA PHE A 465 -43.35 -24.19 11.85
C PHE A 465 -43.37 -25.47 12.68
N GLU A 466 -44.52 -25.79 13.26
CA GLU A 466 -44.68 -27.05 13.99
C GLU A 466 -45.07 -28.13 12.98
N PHE A 467 -44.15 -29.07 12.74
CA PHE A 467 -44.40 -30.15 11.81
C PHE A 467 -45.39 -31.14 12.40
N TYR A 468 -46.45 -31.47 11.64
CA TYR A 468 -47.38 -32.52 12.10
C TYR A 468 -46.60 -33.84 12.09
N HIS A 469 -45.81 -34.04 11.04
CA HIS A 469 -45.02 -35.29 10.92
C HIS A 469 -43.61 -35.01 11.49
N LYS A 470 -42.72 -36.00 11.44
CA LYS A 470 -41.35 -35.82 11.95
C LYS A 470 -40.30 -35.53 10.86
N CYS A 471 -39.93 -34.25 10.69
CA CYS A 471 -38.89 -33.89 9.69
C CYS A 471 -37.51 -34.33 10.19
N ASP A 472 -36.91 -35.33 9.55
CA ASP A 472 -35.59 -35.87 9.99
C ASP A 472 -34.50 -34.83 9.77
N ASN A 473 -33.32 -35.06 10.33
CA ASN A 473 -32.19 -34.13 10.12
C ASN A 473 -32.07 -33.85 8.61
N THR A 474 -32.04 -34.91 7.79
CA THR A 474 -31.99 -34.72 6.32
C THR A 474 -33.20 -33.86 5.92
N CYS A 475 -34.42 -34.34 6.17
CA CYS A 475 -35.59 -33.51 5.90
C CYS A 475 -35.45 -32.06 6.30
N MET A 476 -34.78 -31.77 7.43
CA MET A 476 -34.54 -30.38 7.81
C MET A 476 -33.60 -29.72 6.84
N GLU A 477 -32.57 -30.45 6.39
CA GLU A 477 -31.69 -29.96 5.34
C GLU A 477 -32.47 -29.71 4.05
N SER A 478 -33.36 -30.64 3.69
CA SER A 478 -34.11 -30.51 2.44
C SER A 478 -34.95 -29.25 2.42
N VAL A 479 -35.58 -28.91 3.54
CA VAL A 479 -36.31 -27.64 3.63
C VAL A 479 -35.35 -26.48 3.47
N LYS A 480 -34.19 -26.56 4.12
CA LYS A 480 -33.19 -25.49 4.00
C LYS A 480 -32.65 -25.40 2.59
N ASN A 481 -32.20 -26.53 2.03
CA ASN A 481 -31.68 -26.54 0.67
C ASN A 481 -32.74 -26.30 -0.39
N GLY A 482 -34.00 -26.06 0.00
CA GLY A 482 -35.06 -25.92 -0.96
C GLY A 482 -35.49 -27.21 -1.64
N THR A 483 -34.98 -28.35 -1.19
CA THR A 483 -35.26 -29.64 -1.79
C THR A 483 -36.31 -30.44 -1.03
N TYR A 484 -37.09 -29.79 -0.15
CA TYR A 484 -38.12 -30.49 0.60
C TYR A 484 -39.23 -30.96 -0.33
N ASP A 485 -39.78 -32.13 -0.03
CA ASP A 485 -40.84 -32.75 -0.83
C ASP A 485 -42.07 -32.97 0.04
N TYR A 486 -43.17 -32.31 -0.32
CA TYR A 486 -44.42 -32.43 0.43
C TYR A 486 -45.00 -33.84 0.43
N PRO A 487 -45.10 -34.54 -0.71
CA PRO A 487 -45.89 -35.79 -0.72
C PRO A 487 -45.42 -36.87 0.27
N LYS A 488 -44.12 -37.11 0.41
CA LYS A 488 -43.65 -38.22 1.23
C LYS A 488 -44.22 -38.16 2.64
N TYR A 489 -44.17 -36.99 3.26
CA TYR A 489 -44.68 -36.80 4.61
C TYR A 489 -46.12 -36.31 4.65
N SER A 490 -46.78 -36.21 3.50
CA SER A 490 -48.09 -35.59 3.44
C SER A 490 -49.12 -36.39 4.23
N GLU A 491 -49.26 -37.68 3.88
CA GLU A 491 -50.34 -38.49 4.45
C GLU A 491 -50.18 -38.62 5.96
N GLU A 492 -48.96 -38.83 6.44
CA GLU A 492 -48.72 -38.90 7.87
C GLU A 492 -49.18 -37.63 8.56
N ALA A 493 -48.77 -36.48 8.02
CA ALA A 493 -49.18 -35.20 8.59
C ALA A 493 -50.69 -35.03 8.58
N LYS A 494 -51.33 -35.39 7.46
CA LYS A 494 -52.79 -35.22 7.33
C LYS A 494 -53.54 -35.97 8.44
N LEU A 495 -53.14 -37.21 8.71
CA LEU A 495 -53.81 -37.99 9.75
C LEU A 495 -53.62 -37.37 11.13
N ASN A 496 -52.43 -36.79 11.38
CA ASN A 496 -52.19 -36.13 12.66
C ASN A 496 -53.11 -34.94 12.86
N ARG A 497 -53.26 -34.10 11.82
CA ARG A 497 -54.22 -32.99 11.90
C ARG A 497 -55.61 -33.51 12.26
N GLU A 498 -56.08 -34.52 11.53
CA GLU A 498 -57.41 -35.06 11.78
C GLU A 498 -57.54 -35.61 13.19
N GLU A 499 -56.44 -36.04 13.80
CA GLU A 499 -56.49 -36.52 15.17
C GLU A 499 -56.78 -35.39 16.15
N ILE A 500 -56.15 -34.24 15.96
CA ILE A 500 -56.41 -33.08 16.81
C ILE A 500 -57.61 -32.28 16.31
N ASP A 501 -57.98 -32.42 15.05
CA ASP A 501 -59.16 -31.75 14.49
C ASP A 501 -60.42 -32.07 15.30
N GLN B 1 2.03 -22.67 20.13
CA GLN B 1 1.43 -21.51 19.49
C GLN B 1 1.18 -21.75 18.00
N VAL B 2 2.07 -21.22 17.16
CA VAL B 2 1.91 -21.33 15.70
C VAL B 2 2.28 -22.76 15.30
N GLN B 3 1.29 -23.59 14.99
CA GLN B 3 1.62 -24.96 14.50
C GLN B 3 0.61 -25.42 13.43
N LEU B 4 0.82 -25.05 12.17
CA LEU B 4 -0.05 -25.56 11.08
C LEU B 4 0.73 -26.63 10.32
N VAL B 5 0.62 -27.89 10.74
CA VAL B 5 1.42 -28.99 10.12
C VAL B 5 0.70 -29.50 8.87
N GLN B 6 1.30 -29.31 7.69
CA GLN B 6 0.72 -29.83 6.47
C GLN B 6 1.08 -31.30 6.28
N SER B 7 0.48 -31.92 5.27
CA SER B 7 0.74 -33.32 5.01
C SER B 7 2.05 -33.49 4.24
N GLY B 8 2.44 -34.75 4.04
CA GLY B 8 3.66 -35.04 3.33
C GLY B 8 3.54 -34.80 1.84
N ALA B 9 4.70 -34.63 1.20
CA ALA B 9 4.75 -34.40 -0.24
C ALA B 9 4.10 -35.55 -0.98
N GLU B 10 3.37 -35.24 -2.04
CA GLU B 10 2.55 -36.22 -2.74
C GLU B 10 2.81 -36.15 -4.25
N VAL B 11 2.85 -37.33 -4.87
CA VAL B 11 3.20 -37.50 -6.27
C VAL B 11 2.13 -38.37 -6.91
N LYS B 12 1.53 -37.89 -8.00
CA LYS B 12 0.48 -38.62 -8.68
C LYS B 12 0.55 -38.37 -10.18
N LYS B 13 -0.30 -39.10 -10.93
CA LYS B 13 -0.51 -39.08 -12.37
C LYS B 13 -1.80 -38.34 -12.68
N PRO B 14 -1.90 -37.72 -13.86
CA PRO B 14 -3.09 -36.93 -14.18
C PRO B 14 -4.36 -37.75 -14.10
N GLY B 15 -5.40 -37.15 -13.52
CA GLY B 15 -6.68 -37.79 -13.40
C GLY B 15 -6.90 -38.62 -12.15
N ALA B 16 -6.04 -38.47 -11.14
CA ALA B 16 -6.18 -39.19 -9.89
C ALA B 16 -6.44 -38.21 -8.76
N SER B 17 -7.21 -38.65 -7.77
CA SER B 17 -7.59 -37.79 -6.66
C SER B 17 -6.40 -37.57 -5.73
N VAL B 18 -6.27 -36.34 -5.22
CA VAL B 18 -5.21 -35.98 -4.29
C VAL B 18 -5.85 -35.49 -3.00
N LYS B 19 -5.25 -35.85 -1.86
CA LYS B 19 -5.76 -35.50 -0.54
C LYS B 19 -4.65 -34.91 0.31
N VAL B 20 -4.75 -33.62 0.63
CA VAL B 20 -3.80 -32.93 1.47
C VAL B 20 -4.44 -32.67 2.83
N SER B 21 -3.65 -32.78 3.89
CA SER B 21 -4.15 -32.61 5.24
C SER B 21 -3.32 -31.56 5.97
N CYS B 22 -4.00 -30.66 6.68
CA CYS B 22 -3.27 -29.65 7.50
C CYS B 22 -3.76 -29.81 8.94
N LYS B 23 -2.95 -30.47 9.78
CA LYS B 23 -3.36 -30.70 11.19
C LYS B 23 -2.93 -29.48 11.99
N ALA B 24 -3.80 -29.01 12.89
CA ALA B 24 -3.51 -27.74 13.59
C ALA B 24 -3.62 -27.92 15.11
N SER B 25 -2.76 -27.24 15.85
CA SER B 25 -2.83 -27.29 17.34
C SER B 25 -1.91 -26.20 17.89
N GLY B 26 -1.65 -26.22 19.19
CA GLY B 26 -0.80 -25.20 19.82
C GLY B 26 -1.53 -23.86 19.86
N TYR B 27 -2.77 -23.84 19.36
CA TYR B 27 -3.57 -22.58 19.36
C TYR B 27 -5.05 -22.93 19.41
N SER B 28 -5.84 -22.11 20.10
CA SER B 28 -7.29 -22.42 20.26
C SER B 28 -7.92 -22.68 18.88
N PHE B 29 -8.60 -23.82 18.74
CA PHE B 29 -9.32 -24.10 17.47
C PHE B 29 -10.81 -23.85 17.70
N SER B 30 -11.15 -22.64 18.18
CA SER B 30 -12.56 -22.29 18.43
C SER B 30 -13.28 -22.09 17.10
N SER B 31 -13.59 -23.18 16.40
CA SER B 31 -14.32 -23.11 15.11
C SER B 31 -13.56 -22.27 14.07
N TYR B 32 -12.35 -21.78 14.40
CA TYR B 32 -11.65 -20.91 13.44
C TYR B 32 -11.57 -21.61 12.09
N GLY B 33 -11.71 -20.86 11.00
CA GLY B 33 -11.74 -21.49 9.67
C GLY B 33 -10.36 -21.71 9.09
N ILE B 34 -10.29 -22.44 7.98
CA ILE B 34 -9.02 -22.73 7.32
C ILE B 34 -9.21 -22.59 5.82
N SER B 35 -8.31 -21.84 5.18
CA SER B 35 -8.30 -21.66 3.74
C SER B 35 -7.01 -22.25 3.18
N TRP B 36 -7.07 -22.67 1.92
CA TRP B 36 -5.94 -23.32 1.26
C TRP B 36 -5.51 -22.50 0.05
N VAL B 37 -4.20 -22.34 -0.12
CA VAL B 37 -3.61 -21.51 -1.15
C VAL B 37 -2.61 -22.34 -1.97
N ARG B 38 -2.54 -22.06 -3.27
CA ARG B 38 -1.66 -22.77 -4.17
C ARG B 38 -0.65 -21.79 -4.77
N GLN B 39 0.62 -22.19 -4.80
CA GLN B 39 1.67 -21.44 -5.49
C GLN B 39 2.23 -22.32 -6.60
N ALA B 40 1.92 -21.97 -7.84
CA ALA B 40 2.51 -22.72 -8.98
C ALA B 40 4.03 -22.67 -8.87
N PRO B 41 4.78 -23.63 -9.42
CA PRO B 41 6.24 -23.65 -9.24
C PRO B 41 6.81 -22.26 -9.52
N GLY B 42 7.47 -21.67 -8.53
CA GLY B 42 8.09 -20.34 -8.71
C GLY B 42 7.18 -19.42 -9.49
N GLN B 43 5.92 -19.27 -9.04
CA GLN B 43 4.95 -18.40 -9.74
C GLN B 43 4.00 -17.80 -8.70
N GLY B 44 2.92 -17.16 -9.15
CA GLY B 44 2.01 -16.50 -8.24
C GLY B 44 1.26 -17.34 -7.22
N LEU B 45 0.70 -16.64 -6.25
CA LEU B 45 -0.14 -17.23 -5.21
C LEU B 45 -1.61 -17.10 -5.58
N GLU B 46 -2.26 -18.25 -5.74
CA GLU B 46 -3.67 -18.33 -6.12
C GLU B 46 -4.45 -18.98 -4.98
N TRP B 47 -5.45 -18.26 -4.48
CA TRP B 47 -6.31 -18.81 -3.42
C TRP B 47 -7.20 -19.90 -4.02
N MET B 48 -7.39 -21.00 -3.30
CA MET B 48 -8.15 -22.13 -3.87
C MET B 48 -9.50 -22.25 -3.14
N GLY B 49 -9.51 -22.18 -1.82
CA GLY B 49 -10.79 -22.39 -1.11
C GLY B 49 -10.74 -22.07 0.36
N TRP B 50 -11.90 -22.09 1.03
CA TRP B 50 -12.00 -21.78 2.45
C TRP B 50 -13.13 -22.62 3.02
N ILE B 51 -12.93 -23.14 4.23
CA ILE B 51 -13.99 -23.92 4.92
C ILE B 51 -14.07 -23.43 6.37
N SER B 52 -15.28 -23.18 6.88
CA SER B 52 -15.47 -22.71 8.26
C SER B 52 -15.68 -23.93 9.15
N ALA B 53 -14.80 -24.17 10.12
CA ALA B 53 -15.04 -25.28 11.07
C ALA B 53 -16.35 -25.03 11.80
N TYR B 54 -16.66 -23.76 12.07
CA TYR B 54 -17.94 -23.40 12.74
C TYR B 54 -19.11 -23.99 11.95
N ASN B 55 -19.04 -23.96 10.62
CA ASN B 55 -20.19 -24.42 9.81
C ASN B 55 -19.64 -25.34 8.72
N GLY B 56 -20.37 -25.48 7.63
CA GLY B 56 -19.89 -26.26 6.47
C GLY B 56 -19.85 -25.32 5.28
N ASN B 57 -19.44 -24.07 5.54
CA ASN B 57 -19.49 -23.05 4.51
C ASN B 57 -18.28 -23.04 3.58
N THR B 58 -18.24 -23.93 2.61
CA THR B 58 -17.12 -23.97 1.68
C THR B 58 -17.30 -22.89 0.62
N ASN B 59 -16.19 -22.39 0.13
CA ASN B 59 -16.18 -21.42 -0.98
C ASN B 59 -15.02 -21.81 -1.90
N TYR B 60 -15.30 -22.74 -2.80
CA TYR B 60 -14.33 -23.15 -3.79
C TYR B 60 -14.23 -22.08 -4.87
N ALA B 61 -13.00 -21.81 -5.32
CA ALA B 61 -12.80 -20.78 -6.37
C ALA B 61 -13.46 -21.08 -7.71
N GLN B 62 -14.14 -20.11 -8.31
CA GLN B 62 -14.88 -20.41 -9.56
C GLN B 62 -14.02 -21.28 -10.47
N LYS B 63 -12.80 -20.84 -10.77
CA LYS B 63 -11.91 -21.60 -11.69
C LYS B 63 -12.01 -23.10 -11.39
N LEU B 64 -11.82 -23.49 -10.13
CA LEU B 64 -11.82 -24.93 -9.78
C LEU B 64 -12.94 -25.20 -8.76
N GLN B 65 -14.12 -25.54 -9.24
CA GLN B 65 -15.25 -25.80 -8.36
C GLN B 65 -15.65 -27.27 -8.28
N GLY B 66 -15.71 -27.98 -9.40
CA GLY B 66 -16.13 -29.36 -9.38
C GLY B 66 -15.12 -30.27 -8.70
N ARG B 67 -13.86 -30.20 -9.14
CA ARG B 67 -12.83 -31.08 -8.61
C ARG B 67 -12.62 -30.89 -7.11
N VAL B 68 -12.50 -29.64 -6.68
CA VAL B 68 -12.07 -29.34 -5.32
C VAL B 68 -13.16 -29.74 -4.33
N THR B 69 -12.78 -30.51 -3.31
CA THR B 69 -13.66 -30.85 -2.21
C THR B 69 -12.91 -30.70 -0.89
N MET B 70 -13.48 -29.93 0.03
CA MET B 70 -12.84 -29.59 1.29
C MET B 70 -13.64 -30.07 2.49
N THR B 71 -12.93 -30.52 3.53
CA THR B 71 -13.55 -31.09 4.72
C THR B 71 -12.80 -30.63 5.96
N THR B 72 -13.45 -30.82 7.11
CA THR B 72 -12.86 -30.51 8.41
C THR B 72 -13.26 -31.57 9.43
N ASP B 73 -12.28 -32.02 10.21
CA ASP B 73 -12.51 -32.93 11.33
C ASP B 73 -12.27 -32.14 12.61
N THR B 74 -13.36 -31.58 13.16
CA THR B 74 -13.26 -30.79 14.37
C THR B 74 -12.63 -31.58 15.51
N SER B 75 -12.95 -32.87 15.59
CA SER B 75 -12.44 -33.72 16.67
C SER B 75 -10.92 -33.74 16.67
N THR B 76 -10.32 -33.90 15.50
CA THR B 76 -8.87 -33.84 15.36
C THR B 76 -8.38 -32.46 14.94
N SER B 77 -9.28 -31.51 14.75
CA SER B 77 -8.94 -30.14 14.32
C SER B 77 -8.05 -30.15 13.07
N THR B 78 -8.48 -30.93 12.09
CA THR B 78 -7.71 -31.13 10.86
C THR B 78 -8.58 -30.80 9.66
N ALA B 79 -8.03 -30.04 8.73
CA ALA B 79 -8.69 -29.72 7.47
C ALA B 79 -8.12 -30.57 6.34
N TYR B 80 -8.90 -30.71 5.27
CA TYR B 80 -8.53 -31.56 4.16
C TYR B 80 -8.95 -30.91 2.85
N MET B 81 -8.05 -30.95 1.87
CA MET B 81 -8.36 -30.42 0.52
C MET B 81 -8.22 -31.58 -0.46
N GLU B 82 -9.22 -31.79 -1.32
CA GLU B 82 -9.15 -32.98 -2.22
C GLU B 82 -9.43 -32.53 -3.65
N LEU B 83 -8.46 -32.67 -4.55
CA LEU B 83 -8.68 -32.33 -5.98
C LEU B 83 -9.02 -33.63 -6.72
N ARG B 84 -10.30 -33.84 -7.07
CA ARG B 84 -10.72 -35.12 -7.71
C ARG B 84 -9.94 -35.35 -9.01
N SER B 85 -9.91 -34.35 -9.90
CA SER B 85 -9.23 -34.52 -11.21
C SER B 85 -7.87 -33.82 -11.19
N LEU B 86 -6.83 -34.51 -11.65
CA LEU B 86 -5.46 -33.91 -11.62
C LEU B 86 -5.01 -33.53 -13.03
N ARG B 87 -4.14 -32.53 -13.14
CA ARG B 87 -3.67 -32.04 -14.43
C ARG B 87 -2.18 -31.79 -14.26
N SER B 88 -1.44 -31.90 -15.37
CA SER B 88 -0.05 -31.50 -15.37
C SER B 88 0.10 -30.02 -15.00
N ASP B 89 -0.85 -29.20 -15.43
CA ASP B 89 -0.84 -27.79 -15.05
C ASP B 89 -1.07 -27.61 -13.56
N ASP B 90 -1.80 -28.53 -12.93
CA ASP B 90 -2.07 -28.43 -11.51
C ASP B 90 -0.84 -28.69 -10.65
N THR B 91 0.20 -29.31 -11.20
CA THR B 91 1.43 -29.58 -10.49
C THR B 91 1.99 -28.34 -9.82
N ALA B 92 1.99 -28.30 -8.49
CA ALA B 92 2.41 -27.12 -7.73
C ALA B 92 2.52 -27.57 -6.27
N VAL B 93 2.82 -26.62 -5.40
CA VAL B 93 2.84 -26.84 -3.95
C VAL B 93 1.63 -26.13 -3.37
N PHE B 94 1.03 -26.74 -2.35
CA PHE B 94 -0.18 -26.24 -1.72
C PHE B 94 0.14 -25.75 -0.31
N TYR B 95 -0.57 -24.71 0.13
CA TYR B 95 -0.33 -24.06 1.41
C TYR B 95 -1.64 -23.90 2.17
N CYS B 96 -1.54 -23.94 3.50
CA CYS B 96 -2.68 -23.75 4.39
C CYS B 96 -2.52 -22.47 5.20
N ALA B 97 -3.67 -21.96 5.65
CA ALA B 97 -3.66 -20.72 6.45
C ALA B 97 -4.96 -20.68 7.24
N ARG B 98 -4.92 -20.13 8.45
CA ARG B 98 -6.15 -20.01 9.27
C ARG B 98 -7.02 -18.92 8.66
N ASP B 99 -8.32 -18.95 8.94
CA ASP B 99 -9.24 -17.91 8.43
C ASP B 99 -10.32 -17.73 9.49
N ARG B 100 -11.02 -16.60 9.49
CA ARG B 100 -12.10 -16.47 10.46
C ARG B 100 -13.32 -17.26 10.01
N PRO B 101 -14.08 -17.93 10.91
CA PRO B 101 -15.21 -18.76 10.47
C PRO B 101 -16.45 -17.97 10.02
N HIS B 102 -16.89 -17.00 10.82
CA HIS B 102 -18.14 -16.27 10.51
C HIS B 102 -17.96 -15.43 9.24
N ILE B 103 -18.86 -15.57 8.28
CA ILE B 103 -18.80 -14.74 7.04
C ILE B 103 -18.99 -13.28 7.48
N LEU B 104 -19.87 -13.03 8.44
CA LEU B 104 -20.07 -11.66 8.97
C LEU B 104 -18.70 -11.11 9.33
N THR B 105 -17.88 -11.87 10.06
CA THR B 105 -16.52 -11.42 10.44
C THR B 105 -15.60 -11.42 9.20
N GLY B 106 -14.44 -10.76 9.30
CA GLY B 106 -13.51 -10.67 8.16
C GLY B 106 -12.68 -11.93 8.00
N PHE B 107 -11.40 -11.78 7.66
CA PHE B 107 -10.52 -12.96 7.44
C PHE B 107 -9.18 -12.74 8.16
N ASP B 108 -8.55 -13.82 8.63
CA ASP B 108 -7.21 -13.70 9.27
C ASP B 108 -6.35 -14.93 8.96
N PHE B 109 -5.47 -14.80 7.96
CA PHE B 109 -4.53 -15.89 7.62
C PHE B 109 -3.38 -15.56 8.56
N ASP B 110 -3.62 -15.67 9.88
CA ASP B 110 -2.58 -15.35 10.89
C ASP B 110 -1.47 -16.41 10.82
N TYR B 111 -1.87 -17.69 10.83
CA TYR B 111 -0.87 -18.79 10.81
C TYR B 111 -0.84 -19.41 9.41
N TRP B 112 0.35 -19.70 8.90
CA TRP B 112 0.45 -20.39 7.58
C TRP B 112 1.06 -21.77 7.79
N GLY B 113 0.92 -22.68 6.81
CA GLY B 113 1.40 -24.06 7.02
C GLY B 113 2.72 -24.38 6.33
N GLN B 114 3.14 -25.65 6.37
CA GLN B 114 4.42 -26.10 5.69
C GLN B 114 3.90 -26.47 4.33
N GLY B 115 4.56 -26.00 3.28
CA GLY B 115 4.08 -26.20 1.85
C GLY B 115 4.14 -27.66 1.47
N THR B 116 2.98 -28.29 1.26
CA THR B 116 2.95 -29.66 0.66
C THR B 116 2.98 -29.49 -0.85
N LEU B 117 4.13 -29.81 -1.47
CA LEU B 117 4.18 -29.77 -2.94
C LEU B 117 3.50 -30.99 -3.50
N VAL B 118 2.76 -30.84 -4.60
CA VAL B 118 2.08 -31.97 -5.24
C VAL B 118 2.51 -31.95 -6.69
N THR B 119 3.06 -33.07 -7.16
CA THR B 119 3.50 -33.22 -8.54
C THR B 119 2.51 -34.08 -9.31
N VAL B 120 2.15 -33.66 -10.52
CA VAL B 120 1.17 -34.38 -11.32
C VAL B 120 1.66 -34.52 -12.75
N SER B 121 2.27 -35.67 -13.07
CA SER B 121 2.63 -35.98 -14.45
C SER B 121 2.70 -37.50 -14.60
N SER B 122 2.64 -37.95 -15.85
CA SER B 122 2.51 -39.37 -16.14
C SER B 122 3.98 -39.74 -16.26
N ALA B 123 4.60 -40.10 -15.14
CA ALA B 123 6.01 -40.48 -15.12
C ALA B 123 6.18 -41.18 -13.79
N SER B 124 6.86 -42.32 -13.81
CA SER B 124 7.16 -43.05 -12.59
C SER B 124 8.47 -42.55 -11.99
N THR B 125 8.70 -42.93 -10.73
CA THR B 125 9.90 -42.50 -10.03
C THR B 125 11.14 -43.13 -10.68
N LYS B 126 12.19 -42.33 -10.81
CA LYS B 126 13.44 -42.81 -11.39
C LYS B 126 14.61 -42.33 -10.54
N GLY B 127 15.63 -43.19 -10.43
CA GLY B 127 16.84 -42.85 -9.72
C GLY B 127 17.71 -41.90 -10.51
N PRO B 128 18.34 -40.95 -9.82
CA PRO B 128 19.15 -39.95 -10.53
C PRO B 128 20.46 -40.54 -11.04
N SER B 129 20.97 -39.92 -12.09
CA SER B 129 22.23 -40.32 -12.71
C SER B 129 23.24 -39.21 -12.43
N VAL B 130 24.06 -39.41 -11.39
CA VAL B 130 25.05 -38.42 -10.98
C VAL B 130 26.24 -38.48 -11.92
N PHE B 131 26.68 -37.30 -12.39
CA PHE B 131 27.80 -37.21 -13.32
C PHE B 131 28.68 -36.03 -12.93
N PRO B 132 30.00 -36.20 -12.90
CA PRO B 132 30.89 -35.17 -12.36
C PRO B 132 31.35 -34.19 -13.43
N LEU B 133 31.99 -33.11 -12.96
CA LEU B 133 32.59 -32.10 -13.81
C LEU B 133 34.08 -32.05 -13.50
N ALA B 134 34.81 -31.22 -14.24
CA ALA B 134 36.26 -31.21 -14.15
C ALA B 134 36.76 -29.84 -14.62
N PRO B 135 37.95 -29.42 -14.17
CA PRO B 135 38.53 -28.13 -14.61
C PRO B 135 39.36 -28.32 -15.88
N SER B 136 38.67 -28.56 -16.99
CA SER B 136 39.36 -28.91 -18.24
C SER B 136 40.35 -27.83 -18.65
N SER B 137 39.86 -26.61 -18.87
CA SER B 137 40.73 -25.50 -19.17
C SER B 137 41.33 -24.87 -17.93
N LYS B 138 41.27 -25.58 -16.79
CA LYS B 138 41.71 -25.07 -15.49
C LYS B 138 40.87 -23.90 -15.01
N SER B 139 39.92 -23.45 -15.84
CA SER B 139 38.94 -22.41 -15.49
C SER B 139 39.71 -21.15 -15.08
N THR B 140 39.31 -20.43 -14.04
CA THR B 140 40.11 -19.33 -13.51
C THR B 140 41.10 -19.92 -12.50
N SER B 141 42.21 -20.43 -13.03
CA SER B 141 43.22 -21.05 -12.19
C SER B 141 43.73 -20.09 -11.13
N GLY B 142 44.06 -18.86 -11.52
CA GLY B 142 44.45 -17.84 -10.56
C GLY B 142 43.35 -17.40 -9.62
N GLY B 143 42.11 -17.79 -9.89
CA GLY B 143 41.00 -17.50 -9.00
C GLY B 143 40.52 -18.74 -8.27
N THR B 144 39.52 -19.42 -8.84
CA THR B 144 38.99 -20.65 -8.26
C THR B 144 38.66 -21.63 -9.37
N ALA B 145 39.25 -22.81 -9.31
CA ALA B 145 38.85 -23.89 -10.21
C ALA B 145 37.48 -24.40 -9.78
N ALA B 146 36.59 -24.58 -10.74
CA ALA B 146 35.21 -24.93 -10.43
C ALA B 146 34.95 -26.40 -10.74
N LEU B 147 34.26 -27.07 -9.82
CA LEU B 147 33.99 -28.50 -9.90
C LEU B 147 32.53 -28.76 -9.56
N GLY B 148 31.88 -29.62 -10.34
CA GLY B 148 30.47 -29.84 -10.18
C GLY B 148 30.07 -31.29 -10.42
N CYS B 149 28.84 -31.59 -10.01
CA CYS B 149 28.17 -32.85 -10.31
C CYS B 149 26.77 -32.58 -10.81
N LEU B 150 26.31 -33.41 -11.73
CA LEU B 150 25.02 -33.24 -12.40
C LEU B 150 24.11 -34.37 -11.97
N VAL B 151 23.05 -34.03 -11.24
CA VAL B 151 22.08 -35.00 -10.76
C VAL B 151 20.88 -34.93 -11.68
N LYS B 152 20.72 -35.94 -12.54
CA LYS B 152 19.78 -35.86 -13.66
C LYS B 152 18.95 -37.13 -13.75
N ASP B 153 17.94 -37.08 -14.62
CA ASP B 153 17.10 -38.23 -14.97
C ASP B 153 16.46 -38.84 -13.72
N TYR B 154 15.62 -38.05 -13.07
CA TYR B 154 14.91 -38.48 -11.87
C TYR B 154 13.59 -37.75 -11.81
N PHE B 155 12.55 -38.42 -11.28
CA PHE B 155 11.22 -37.86 -11.45
C PHE B 155 10.66 -37.14 -10.21
N PRO B 156 10.87 -37.59 -8.98
CA PRO B 156 10.44 -36.79 -7.84
C PRO B 156 11.41 -35.65 -7.55
N GLU B 157 10.84 -34.54 -7.06
CA GLU B 157 11.57 -33.30 -6.86
C GLU B 157 12.58 -33.30 -5.70
N PRO B 158 12.25 -33.86 -4.52
CA PRO B 158 13.18 -33.73 -3.38
C PRO B 158 14.50 -34.44 -3.62
N VAL B 159 15.60 -33.68 -3.55
CA VAL B 159 16.96 -34.21 -3.63
C VAL B 159 17.83 -33.48 -2.63
N THR B 160 18.73 -34.21 -1.97
CA THR B 160 19.65 -33.65 -1.00
C THR B 160 21.08 -33.99 -1.39
N VAL B 161 21.90 -32.95 -1.61
CA VAL B 161 23.30 -33.17 -2.09
C VAL B 161 24.28 -32.84 -0.96
N SER B 162 25.14 -33.80 -0.61
CA SER B 162 26.17 -33.56 0.43
C SER B 162 27.53 -33.45 -0.25
N TRP B 163 28.22 -32.34 -0.04
CA TRP B 163 29.53 -32.14 -0.73
C TRP B 163 30.66 -32.58 0.20
N ASN B 164 31.41 -33.61 -0.20
CA ASN B 164 32.54 -34.10 0.63
C ASN B 164 32.03 -34.40 2.04
N SER B 165 31.18 -35.43 2.18
CA SER B 165 30.60 -35.78 3.50
C SER B 165 29.87 -34.56 4.08
N GLY B 166 29.28 -33.74 3.21
CA GLY B 166 28.56 -32.53 3.65
C GLY B 166 29.52 -31.56 4.29
N ALA B 167 30.73 -32.01 4.60
CA ALA B 167 31.71 -31.16 5.29
C ALA B 167 31.96 -29.90 4.46
N LEU B 168 32.05 -30.06 3.13
CA LEU B 168 32.21 -28.87 2.27
C LEU B 168 31.12 -27.87 2.64
N THR B 169 31.51 -26.64 3.01
CA THR B 169 30.51 -25.60 3.39
C THR B 169 30.28 -24.37 2.50
N SER B 170 31.35 -23.71 2.04
CA SER B 170 31.22 -22.47 1.24
C SER B 170 31.65 -22.96 -0.14
N GLY B 171 31.31 -22.21 -1.19
CA GLY B 171 31.70 -22.57 -2.57
C GLY B 171 30.60 -23.36 -3.26
N VAL B 172 29.75 -24.04 -2.49
CA VAL B 172 28.66 -24.89 -3.09
C VAL B 172 27.50 -23.98 -3.49
N HIS B 173 27.08 -24.06 -4.76
CA HIS B 173 25.89 -23.27 -5.20
C HIS B 173 24.90 -24.22 -5.88
N THR B 174 24.38 -25.21 -5.13
CA THR B 174 23.37 -26.08 -5.71
C THR B 174 22.29 -25.24 -6.38
N PHE B 175 21.89 -25.65 -7.58
CA PHE B 175 20.99 -24.85 -8.41
C PHE B 175 19.58 -25.44 -8.42
N PRO B 176 18.56 -24.63 -8.65
CA PRO B 176 17.19 -25.17 -8.69
C PRO B 176 17.00 -26.11 -9.88
N ALA B 177 16.27 -27.19 -9.64
CA ALA B 177 16.03 -28.19 -10.66
C ALA B 177 15.19 -27.61 -11.81
N VAL B 178 15.45 -28.11 -13.01
CA VAL B 178 14.69 -27.75 -14.19
C VAL B 178 14.07 -29.02 -14.77
N LEU B 179 12.75 -29.03 -14.91
CA LEU B 179 12.05 -30.08 -15.63
C LEU B 179 12.69 -30.32 -16.99
N GLN B 180 13.33 -31.46 -17.19
CA GLN B 180 13.65 -31.87 -18.54
C GLN B 180 12.34 -32.01 -19.32
N SER B 181 12.34 -31.50 -20.55
CA SER B 181 11.12 -31.46 -21.34
C SER B 181 10.44 -32.83 -21.46
N SER B 182 11.20 -33.91 -21.30
CA SER B 182 10.66 -35.27 -21.29
C SER B 182 10.07 -35.66 -19.94
N GLY B 183 9.97 -34.73 -19.00
CA GLY B 183 9.34 -34.99 -17.72
C GLY B 183 10.29 -35.25 -16.57
N LEU B 184 11.57 -35.47 -16.83
CA LEU B 184 12.54 -35.74 -15.79
C LEU B 184 13.07 -34.43 -15.21
N TYR B 185 14.09 -34.51 -14.34
CA TYR B 185 14.66 -33.36 -13.66
C TYR B 185 16.18 -33.38 -13.80
N SER B 186 16.79 -32.24 -13.53
CA SER B 186 18.25 -32.11 -13.62
C SER B 186 18.71 -31.05 -12.64
N LEU B 187 19.50 -31.46 -11.65
CA LEU B 187 20.17 -30.53 -10.75
C LEU B 187 21.64 -30.39 -11.15
N SER B 188 22.21 -29.25 -10.83
CA SER B 188 23.62 -28.98 -11.02
C SER B 188 24.17 -28.41 -9.72
N SER B 189 25.16 -29.08 -9.15
CA SER B 189 25.77 -28.68 -7.89
C SER B 189 27.26 -28.44 -8.12
N VAL B 190 27.70 -27.20 -7.96
CA VAL B 190 29.07 -26.81 -8.31
C VAL B 190 29.75 -26.16 -7.11
N VAL B 191 31.08 -26.18 -7.14
CA VAL B 191 31.92 -25.65 -6.07
C VAL B 191 33.05 -24.84 -6.72
N THR B 192 33.48 -23.78 -6.04
CA THR B 192 34.58 -22.92 -6.49
C THR B 192 35.70 -22.97 -5.45
N VAL B 193 36.75 -23.73 -5.75
CA VAL B 193 37.92 -23.86 -4.89
C VAL B 193 39.15 -23.47 -5.71
N PRO B 194 40.07 -22.67 -5.16
CA PRO B 194 41.23 -22.24 -5.95
C PRO B 194 42.01 -23.42 -6.54
N SER B 195 42.49 -23.24 -7.77
CA SER B 195 43.20 -24.29 -8.48
C SER B 195 44.48 -24.72 -7.78
N SER B 196 44.90 -24.03 -6.72
CA SER B 196 46.05 -24.46 -5.94
C SER B 196 45.84 -25.87 -5.39
N SER B 197 44.67 -26.12 -4.79
CA SER B 197 44.38 -27.40 -4.15
C SER B 197 43.62 -28.32 -5.10
N LEU B 198 44.34 -28.78 -6.13
CA LEU B 198 43.77 -29.75 -7.07
C LEU B 198 43.65 -31.18 -6.57
N GLY B 199 44.74 -31.72 -6.01
CA GLY B 199 44.76 -33.10 -5.56
C GLY B 199 44.68 -33.16 -4.05
N THR B 200 45.14 -32.10 -3.36
CA THR B 200 45.12 -32.10 -1.91
C THR B 200 43.69 -32.13 -1.38
N GLN B 201 42.82 -31.29 -1.92
CA GLN B 201 41.43 -31.27 -1.49
C GLN B 201 40.65 -32.36 -2.22
N THR B 202 39.97 -33.21 -1.46
CA THR B 202 39.12 -34.24 -2.04
C THR B 202 37.77 -33.64 -2.44
N TYR B 203 37.20 -34.17 -3.52
CA TYR B 203 35.94 -33.67 -4.09
C TYR B 203 34.99 -34.85 -4.28
N ILE B 204 33.91 -34.88 -3.50
CA ILE B 204 32.93 -35.97 -3.53
C ILE B 204 31.54 -35.38 -3.41
N CYS B 205 30.65 -35.73 -4.35
CA CYS B 205 29.24 -35.33 -4.31
C CYS B 205 28.44 -36.49 -3.74
N ASN B 206 28.00 -36.35 -2.50
CA ASN B 206 27.22 -37.39 -1.82
C ASN B 206 25.76 -36.98 -1.93
N VAL B 207 25.08 -37.51 -2.93
CA VAL B 207 23.71 -37.14 -3.26
C VAL B 207 22.78 -38.25 -2.81
N ASN B 208 21.54 -37.88 -2.48
CA ASN B 208 20.50 -38.85 -2.20
C ASN B 208 19.17 -38.34 -2.72
N HIS B 209 18.45 -39.20 -3.44
CA HIS B 209 17.09 -38.93 -3.92
C HIS B 209 16.16 -39.63 -2.93
N LYS B 210 15.74 -38.89 -1.90
CA LYS B 210 14.96 -39.47 -0.79
C LYS B 210 13.75 -40.31 -1.21
N PRO B 211 12.90 -39.88 -2.14
CA PRO B 211 11.74 -40.74 -2.51
C PRO B 211 12.13 -42.09 -3.08
N SER B 212 13.25 -42.19 -3.78
CA SER B 212 13.76 -43.48 -4.24
C SER B 212 14.96 -43.96 -3.42
N ASN B 213 15.40 -43.18 -2.43
CA ASN B 213 16.50 -43.56 -1.53
C ASN B 213 17.74 -44.00 -2.29
N THR B 214 18.10 -43.25 -3.32
CA THR B 214 19.26 -43.56 -4.14
C THR B 214 20.31 -42.74 -3.36
N LYS B 215 21.00 -43.42 -2.46
CA LYS B 215 22.07 -42.79 -1.71
C LYS B 215 23.29 -43.18 -2.54
N VAL B 216 23.90 -42.20 -3.20
CA VAL B 216 25.00 -42.44 -4.12
C VAL B 216 26.10 -41.43 -3.82
N ASP B 217 27.30 -41.93 -3.54
CA ASP B 217 28.49 -41.11 -3.30
C ASP B 217 29.31 -41.05 -4.58
N LYS B 218 29.23 -39.91 -5.27
CA LYS B 218 29.90 -39.72 -6.56
C LYS B 218 31.28 -39.10 -6.51
N ARG B 219 32.14 -39.55 -7.43
CA ARG B 219 33.51 -39.04 -7.50
C ARG B 219 33.81 -37.89 -8.46
N VAL B 220 34.35 -36.80 -7.93
CA VAL B 220 34.71 -35.63 -8.71
C VAL B 220 36.20 -35.77 -9.02
N GLU B 221 36.54 -35.75 -10.31
CA GLU B 221 37.91 -35.98 -10.72
C GLU B 221 38.37 -34.80 -11.58
N PRO B 222 39.57 -34.22 -11.33
CA PRO B 222 40.00 -33.01 -12.06
C PRO B 222 40.62 -33.27 -13.44
N LYS B 223 39.83 -33.78 -14.38
CA LYS B 223 40.33 -33.97 -15.77
C LYS B 223 40.61 -32.59 -16.38
N SER B 224 41.83 -32.38 -16.89
CA SER B 224 42.19 -31.07 -17.50
C SER B 224 42.53 -31.25 -18.98
N ASP C 1 -15.56 -9.65 -9.45
CA ASP C 1 -14.17 -10.07 -9.30
C ASP C 1 -13.29 -8.86 -8.93
N VAL C 2 -12.13 -9.14 -8.32
CA VAL C 2 -11.22 -8.10 -7.84
C VAL C 2 -9.91 -8.21 -8.60
N VAL C 3 -9.29 -7.07 -8.89
CA VAL C 3 -8.01 -7.01 -9.58
C VAL C 3 -7.05 -6.22 -8.69
N MET C 4 -6.07 -6.90 -8.11
CA MET C 4 -5.02 -6.28 -7.31
C MET C 4 -3.80 -6.07 -8.20
N THR C 5 -3.56 -4.82 -8.58
CA THR C 5 -2.40 -4.47 -9.39
C THR C 5 -1.30 -3.98 -8.46
N GLN C 6 -0.14 -4.64 -8.56
CA GLN C 6 1.03 -4.26 -7.74
C GLN C 6 1.96 -3.47 -8.65
N SER C 7 2.08 -2.16 -8.43
CA SER C 7 2.86 -1.33 -9.39
C SER C 7 4.35 -1.69 -9.42
N PRO C 8 5.12 -1.60 -8.32
CA PRO C 8 6.57 -1.81 -8.41
C PRO C 8 6.97 -3.28 -8.20
N VAL C 9 6.79 -4.11 -9.23
CA VAL C 9 7.15 -5.55 -9.12
C VAL C 9 8.64 -5.66 -8.80
N SER C 10 9.51 -5.09 -9.64
CA SER C 10 10.94 -5.21 -9.43
C SER C 10 11.42 -4.00 -8.63
N LEU C 11 11.94 -4.26 -7.43
CA LEU C 11 12.37 -3.19 -6.51
C LEU C 11 13.73 -3.49 -5.89
N PRO C 12 14.81 -3.16 -6.58
CA PRO C 12 16.12 -3.13 -5.93
C PRO C 12 16.23 -1.91 -5.01
N VAL C 13 16.84 -2.12 -3.84
CA VAL C 13 16.98 -1.10 -2.82
C VAL C 13 18.43 -1.15 -2.33
N THR C 14 18.86 -0.10 -1.65
CA THR C 14 20.12 -0.09 -0.92
C THR C 14 19.82 -0.04 0.58
N LEU C 15 20.60 -0.78 1.37
CA LEU C 15 20.35 -0.85 2.84
C LEU C 15 20.01 0.53 3.41
N GLY C 16 18.89 0.63 4.13
CA GLY C 16 18.51 1.91 4.77
C GLY C 16 17.86 2.88 3.80
N GLN C 17 17.20 2.36 2.75
CA GLN C 17 16.48 3.24 1.79
C GLN C 17 14.98 2.95 1.86
N PRO C 18 14.19 3.70 2.67
CA PRO C 18 12.77 3.44 2.80
C PRO C 18 12.24 3.33 1.37
N ALA C 19 11.59 2.21 1.03
CA ALA C 19 11.05 2.05 -0.31
C ALA C 19 9.59 1.64 -0.03
N SER C 20 8.74 1.78 -1.06
CA SER C 20 7.31 1.57 -0.92
C SER C 20 6.78 0.65 -2.01
N ILE C 21 5.74 -0.13 -1.67
CA ILE C 21 5.09 -1.07 -2.57
C ILE C 21 3.62 -0.71 -2.64
N SER C 22 3.12 -0.46 -3.85
CA SER C 22 1.76 0.05 -4.04
C SER C 22 0.83 -1.06 -4.54
N CYS C 23 -0.30 -1.23 -3.85
CA CYS C 23 -1.37 -2.14 -4.26
C CYS C 23 -2.60 -1.31 -4.62
N ARG C 24 -3.14 -1.55 -5.80
CA ARG C 24 -4.30 -0.81 -6.27
C ARG C 24 -5.42 -1.79 -6.61
N SER C 25 -6.60 -1.54 -6.08
CA SER C 25 -7.75 -2.41 -6.23
C SER C 25 -8.70 -1.90 -7.29
N SER C 26 -9.54 -2.81 -7.79
CA SER C 26 -10.58 -2.43 -8.74
C SER C 26 -11.79 -1.83 -8.06
N GLN C 27 -12.11 -2.27 -6.84
CA GLN C 27 -13.24 -1.76 -6.08
C GLN C 27 -12.77 -1.45 -4.66
N GLY C 28 -13.57 -0.65 -3.95
CA GLY C 28 -13.26 -0.38 -2.56
C GLY C 28 -13.24 -1.65 -1.73
N LEU C 29 -12.34 -1.69 -0.74
CA LEU C 29 -12.06 -2.90 0.02
C LEU C 29 -12.53 -2.82 1.48
N VAL C 30 -13.61 -2.07 1.74
CA VAL C 30 -14.20 -1.99 3.07
C VAL C 30 -15.16 -3.16 3.22
N TYR C 31 -15.56 -3.49 4.45
CA TYR C 31 -16.44 -4.63 4.68
C TYR C 31 -17.48 -4.24 5.72
N ILE C 32 -18.49 -5.10 5.88
CA ILE C 32 -19.59 -4.83 6.80
C ILE C 32 -19.08 -4.60 8.22
N ASP C 33 -18.03 -5.33 8.61
CA ASP C 33 -17.41 -5.14 9.92
C ASP C 33 -17.12 -3.67 10.17
N GLY C 34 -16.54 -2.99 9.18
CA GLY C 34 -16.23 -1.59 9.34
C GLY C 34 -14.82 -1.29 8.90
N ASN C 35 -13.93 -2.28 9.06
CA ASN C 35 -12.49 -2.06 8.78
C ASN C 35 -12.14 -2.53 7.37
N THR C 36 -11.12 -1.92 6.76
CA THR C 36 -10.65 -2.36 5.42
C THR C 36 -9.82 -3.63 5.62
N TYR C 37 -9.49 -4.36 4.55
CA TYR C 37 -8.78 -5.66 4.74
C TYR C 37 -7.65 -5.88 3.72
N LEU C 38 -6.48 -5.33 4.00
CA LEU C 38 -5.33 -5.51 3.07
C LEU C 38 -4.13 -6.00 3.88
N ASN C 39 -4.32 -6.98 4.74
CA ASN C 39 -3.15 -7.51 5.47
C ASN C 39 -2.04 -7.90 4.49
N TRP C 40 -0.96 -7.12 4.47
CA TRP C 40 0.17 -7.40 3.55
C TRP C 40 0.87 -8.69 3.98
N PHE C 41 1.40 -9.44 3.02
CA PHE C 41 2.14 -10.68 3.31
C PHE C 41 3.58 -10.58 2.81
N GLN C 42 4.48 -11.38 3.38
CA GLN C 42 5.88 -11.42 2.89
C GLN C 42 6.34 -12.87 2.90
N GLN C 43 6.72 -13.40 1.74
CA GLN C 43 7.21 -14.77 1.68
C GLN C 43 8.71 -14.68 1.42
N ARG C 44 9.50 -14.70 2.48
CA ARG C 44 10.96 -14.70 2.34
C ARG C 44 11.35 -15.96 1.56
N PRO C 45 12.10 -15.88 0.44
CA PRO C 45 12.38 -17.07 -0.37
C PRO C 45 12.83 -18.29 0.45
N GLY C 46 12.29 -19.48 0.14
CA GLY C 46 12.64 -20.71 0.87
C GLY C 46 11.77 -20.88 2.09
N GLN C 47 11.03 -19.84 2.48
CA GLN C 47 10.17 -19.89 3.69
C GLN C 47 8.70 -19.74 3.28
N SER C 48 7.77 -20.05 4.18
CA SER C 48 6.32 -19.96 3.87
C SER C 48 5.84 -18.53 4.09
N PRO C 49 4.80 -17.99 3.40
CA PRO C 49 4.43 -16.58 3.61
C PRO C 49 4.14 -16.15 5.05
N ARG C 50 4.31 -14.86 5.37
CA ARG C 50 4.04 -14.33 6.74
C ARG C 50 3.14 -13.09 6.64
N ARG C 51 2.39 -12.78 7.69
CA ARG C 51 1.53 -11.58 7.71
C ARG C 51 2.19 -10.35 8.33
N LEU C 52 1.89 -9.16 7.83
CA LEU C 52 2.52 -7.92 8.26
C LEU C 52 1.58 -7.02 8.90
N ILE C 53 0.81 -6.31 8.08
CA ILE C 53 -0.23 -5.27 8.60
C ILE C 53 -1.62 -5.70 8.58
N TYR C 54 -2.22 -5.99 9.74
CA TYR C 54 -3.63 -6.45 9.83
C TYR C 54 -4.54 -5.29 9.36
N ASN C 55 -5.56 -5.61 8.57
CA ASN C 55 -6.43 -4.62 8.01
C ASN C 55 -5.53 -3.70 7.23
N VAL C 56 -5.58 -2.40 7.46
CA VAL C 56 -4.76 -1.45 6.63
C VAL C 56 -3.77 -0.71 7.54
N PHE C 57 -4.04 -0.62 8.84
CA PHE C 57 -3.16 0.14 9.76
C PHE C 57 -2.99 -0.61 11.08
N THR C 58 -2.45 -1.84 11.03
CA THR C 58 -2.18 -2.62 12.27
C THR C 58 -0.96 -3.51 12.07
N ARG C 59 0.20 -3.09 12.56
CA ARG C 59 1.42 -3.94 12.51
C ARG C 59 1.16 -5.26 13.25
N ASP C 60 1.79 -6.35 12.81
CA ASP C 60 1.61 -7.67 13.47
C ASP C 60 2.61 -7.81 14.62
N SER C 61 2.28 -8.62 15.63
CA SER C 61 3.16 -8.82 16.80
C SER C 61 4.66 -8.96 16.54
N GLY C 62 5.05 -9.82 15.61
CA GLY C 62 6.48 -10.06 15.38
C GLY C 62 6.82 -9.33 14.09
N VAL C 63 6.42 -8.06 13.96
CA VAL C 63 6.85 -7.33 12.73
C VAL C 63 7.65 -6.09 13.13
N PRO C 64 8.83 -5.84 12.54
CA PRO C 64 9.63 -4.65 12.84
C PRO C 64 8.87 -3.36 12.51
N ASP C 65 9.11 -2.30 13.29
CA ASP C 65 8.43 -0.99 13.05
C ASP C 65 8.78 -0.48 11.64
N ARG C 66 9.93 -0.91 11.11
CA ARG C 66 10.33 -0.51 9.73
C ARG C 66 9.15 -0.77 8.79
N PHE C 67 8.59 -1.98 8.84
CA PHE C 67 7.43 -2.33 7.98
C PHE C 67 6.21 -1.50 8.40
N SER C 68 5.60 -0.78 7.45
CA SER C 68 4.44 0.08 7.77
C SER C 68 3.40 0.03 6.64
N GLY C 69 2.21 -0.52 6.91
CA GLY C 69 1.14 -0.54 5.90
C GLY C 69 0.44 0.81 5.84
N SER C 70 0.13 1.28 4.63
CA SER C 70 -0.47 2.64 4.48
C SER C 70 -1.51 2.63 3.35
N GLY C 71 -2.18 3.77 3.14
CA GLY C 71 -3.22 3.87 2.10
C GLY C 71 -4.61 3.88 2.69
N SER C 72 -5.55 4.58 2.05
CA SER C 72 -6.95 4.64 2.56
C SER C 72 -7.92 4.30 1.43
N GLY C 73 -7.70 4.88 0.24
CA GLY C 73 -8.54 4.55 -0.93
C GLY C 73 -7.97 3.35 -1.68
N THR C 74 -8.53 3.02 -2.85
CA THR C 74 -8.10 1.80 -3.59
C THR C 74 -6.57 1.68 -3.62
N ASP C 75 -5.85 2.80 -3.62
CA ASP C 75 -4.36 2.75 -3.73
C ASP C 75 -3.73 2.66 -2.34
N PHE C 76 -3.30 1.46 -1.93
CA PHE C 76 -2.61 1.28 -0.67
C PHE C 76 -1.12 1.04 -0.88
N THR C 77 -0.33 1.38 0.14
CA THR C 77 1.12 1.25 0.01
C THR C 77 1.70 0.64 1.28
N LEU C 78 2.96 0.19 1.16
CA LEU C 78 3.71 -0.44 2.23
C LEU C 78 5.15 0.03 2.16
N LYS C 79 5.57 0.84 3.14
CA LYS C 79 6.91 1.43 3.17
C LYS C 79 7.70 0.85 4.35
N ILE C 80 8.91 0.36 4.05
CA ILE C 80 9.78 -0.22 5.10
C ILE C 80 11.04 0.65 5.19
N THR C 81 11.22 1.37 6.29
CA THR C 81 12.44 2.18 6.46
C THR C 81 13.63 1.26 6.73
N THR C 82 14.84 1.79 6.64
CA THR C 82 16.04 0.97 6.94
C THR C 82 15.84 -0.40 6.32
N VAL C 83 15.57 -0.46 5.01
CA VAL C 83 15.47 -1.78 4.33
C VAL C 83 16.67 -2.61 4.76
N GLU C 84 16.44 -3.75 5.42
CA GLU C 84 17.55 -4.63 5.87
C GLU C 84 17.68 -5.83 4.93
N ALA C 85 18.27 -6.93 5.40
CA ALA C 85 18.50 -8.11 4.55
C ALA C 85 17.44 -9.22 4.56
N GLU C 86 16.77 -9.42 5.69
CA GLU C 86 15.74 -10.49 5.81
C GLU C 86 14.53 -9.82 5.15
N ASP C 87 14.56 -8.49 5.01
CA ASP C 87 13.44 -7.74 4.42
C ASP C 87 13.29 -8.16 2.95
N VAL C 88 14.40 -8.53 2.31
CA VAL C 88 14.35 -8.94 0.90
C VAL C 88 13.44 -10.16 0.72
N GLY C 89 12.66 -10.14 -0.35
CA GLY C 89 11.80 -11.25 -0.68
C GLY C 89 10.63 -10.79 -1.52
N VAL C 90 9.64 -11.67 -1.61
CA VAL C 90 8.43 -11.44 -2.39
C VAL C 90 7.32 -10.99 -1.46
N TYR C 91 6.51 -10.04 -1.95
CA TYR C 91 5.36 -9.54 -1.15
C TYR C 91 4.10 -9.60 -2.00
N TYR C 92 2.94 -9.79 -1.38
CA TYR C 92 1.66 -9.83 -2.13
C TYR C 92 0.62 -8.91 -1.48
N CYS C 93 -0.33 -8.39 -2.26
CA CYS C 93 -1.43 -7.59 -1.68
C CYS C 93 -2.31 -8.55 -0.89
N MET C 94 -3.31 -8.03 -0.16
CA MET C 94 -4.22 -8.98 0.51
C MET C 94 -5.48 -9.19 -0.33
N GLN C 95 -6.16 -10.32 -0.11
CA GLN C 95 -7.42 -10.62 -0.86
C GLN C 95 -8.43 -9.50 -0.59
N GLY C 96 -9.19 -9.11 -1.63
CA GLY C 96 -10.22 -8.07 -1.45
C GLY C 96 -11.34 -8.58 -0.55
N THR C 97 -12.12 -7.66 0.02
CA THR C 97 -13.28 -8.06 0.85
C THR C 97 -14.22 -8.92 0.00
N HIS C 98 -14.29 -8.68 -1.30
CA HIS C 98 -15.10 -9.58 -2.17
C HIS C 98 -14.68 -11.02 -1.87
N TRP C 99 -15.61 -11.97 -1.92
CA TRP C 99 -15.14 -13.35 -1.66
C TRP C 99 -14.06 -13.75 -2.68
N PRO C 100 -14.13 -13.37 -3.98
CA PRO C 100 -13.01 -13.58 -4.90
C PRO C 100 -11.94 -12.97 -3.98
N TYR C 101 -10.95 -13.77 -3.58
CA TYR C 101 -9.88 -13.31 -2.66
C TYR C 101 -8.76 -13.07 -3.67
N THR C 102 -8.05 -11.93 -3.62
CA THR C 102 -7.09 -11.80 -4.71
C THR C 102 -5.77 -11.36 -4.08
N PHE C 103 -4.74 -12.18 -4.25
CA PHE C 103 -3.40 -11.85 -3.70
C PHE C 103 -2.70 -10.88 -4.66
N GLY C 104 -3.04 -10.98 -5.94
CA GLY C 104 -2.38 -10.12 -6.95
C GLY C 104 -1.05 -10.72 -7.37
N GLN C 105 -0.20 -9.90 -7.99
CA GLN C 105 1.13 -10.38 -8.45
C GLN C 105 2.10 -10.14 -7.30
N GLY C 106 3.40 -10.33 -7.54
CA GLY C 106 4.40 -10.15 -6.46
C GLY C 106 5.39 -9.02 -6.62
N THR C 107 6.05 -8.62 -5.53
CA THR C 107 7.09 -7.56 -5.61
C THR C 107 8.38 -8.09 -4.97
N LYS C 108 9.49 -8.09 -5.71
CA LYS C 108 10.76 -8.64 -5.18
C LYS C 108 11.71 -7.52 -4.77
N LEU C 109 12.49 -7.74 -3.70
CA LEU C 109 13.42 -6.69 -3.21
C LEU C 109 14.87 -7.11 -3.49
N GLU C 110 15.79 -6.15 -3.61
CA GLU C 110 17.23 -6.50 -3.76
C GLU C 110 17.99 -5.95 -2.55
N ILE C 111 19.15 -6.55 -2.21
CA ILE C 111 19.91 -6.12 -1.01
C ILE C 111 20.53 -4.72 -1.04
N LYS C 112 21.24 -4.43 -2.13
CA LYS C 112 21.90 -3.12 -2.32
C LYS C 112 21.81 -2.83 -3.83
N ARG C 113 22.68 -1.97 -4.34
CA ARG C 113 22.70 -1.69 -5.80
C ARG C 113 24.15 -1.48 -6.24
N THR C 114 24.95 -2.54 -6.23
CA THR C 114 26.37 -2.45 -6.68
C THR C 114 26.42 -2.76 -8.17
N VAL C 115 27.61 -2.98 -8.72
CA VAL C 115 27.71 -3.37 -10.16
C VAL C 115 28.06 -4.86 -10.25
N ALA C 116 28.11 -5.41 -11.46
CA ALA C 116 28.35 -6.86 -11.63
C ALA C 116 29.81 -7.27 -11.80
N ALA C 117 30.20 -8.44 -11.28
CA ALA C 117 31.59 -8.91 -11.55
C ALA C 117 31.56 -10.43 -11.68
N PRO C 118 30.92 -11.01 -12.72
CA PRO C 118 30.77 -12.48 -12.84
C PRO C 118 31.99 -13.32 -13.24
N SER C 119 32.15 -14.47 -12.58
CA SER C 119 33.23 -15.40 -12.97
C SER C 119 32.62 -16.46 -13.88
N VAL C 120 32.84 -16.37 -15.17
CA VAL C 120 32.24 -17.27 -16.15
C VAL C 120 33.08 -18.54 -16.24
N PHE C 121 32.39 -19.68 -16.33
CA PHE C 121 33.04 -20.98 -16.50
C PHE C 121 32.17 -21.83 -17.41
N ILE C 122 32.76 -22.89 -17.94
CA ILE C 122 32.02 -23.89 -18.71
C ILE C 122 32.56 -25.27 -18.35
N PHE C 123 31.70 -26.27 -18.42
CA PHE C 123 32.03 -27.62 -18.00
C PHE C 123 31.69 -28.62 -19.08
N PRO C 124 32.68 -29.20 -19.75
CA PRO C 124 32.39 -30.23 -20.74
C PRO C 124 31.87 -31.49 -20.07
N PRO C 125 31.12 -32.32 -20.78
CA PRO C 125 30.53 -33.51 -20.15
C PRO C 125 31.56 -34.61 -19.93
N SER C 126 31.49 -35.22 -18.74
CA SER C 126 32.31 -36.40 -18.48
C SER C 126 31.87 -37.55 -19.37
N ASP C 127 32.82 -38.44 -19.68
CA ASP C 127 32.50 -39.57 -20.54
C ASP C 127 31.46 -40.50 -19.93
N GLU C 128 31.22 -40.40 -18.63
CA GLU C 128 30.26 -41.28 -17.96
C GLU C 128 28.85 -41.04 -18.49
N GLN C 129 28.39 -39.79 -18.46
CA GLN C 129 27.11 -39.46 -19.08
C GLN C 129 27.20 -39.52 -20.60
N LEU C 130 28.38 -39.27 -21.16
CA LEU C 130 28.63 -39.42 -22.58
C LEU C 130 28.48 -40.86 -23.05
N LYS C 131 28.19 -41.80 -22.15
CA LYS C 131 27.87 -43.18 -22.47
C LYS C 131 26.41 -43.52 -22.21
N SER C 132 25.76 -42.80 -21.29
CA SER C 132 24.35 -43.02 -21.03
C SER C 132 23.48 -42.64 -22.22
N GLY C 133 23.95 -41.70 -23.05
CA GLY C 133 23.18 -41.25 -24.19
C GLY C 133 22.98 -39.75 -24.20
N THR C 134 22.82 -39.18 -23.02
CA THR C 134 22.63 -37.75 -22.89
C THR C 134 23.97 -37.03 -22.87
N ALA C 135 24.02 -35.88 -23.53
CA ALA C 135 25.23 -35.05 -23.60
C ALA C 135 24.85 -33.62 -23.26
N SER C 136 25.34 -33.13 -22.13
CA SER C 136 24.97 -31.81 -21.64
C SER C 136 26.20 -31.02 -21.23
N VAL C 137 26.17 -29.72 -21.51
CA VAL C 137 27.26 -28.81 -21.19
C VAL C 137 26.69 -27.66 -20.37
N VAL C 138 27.41 -27.23 -19.35
CA VAL C 138 26.93 -26.25 -18.39
C VAL C 138 27.79 -24.99 -18.50
N CYS C 139 27.13 -23.83 -18.59
CA CYS C 139 27.87 -22.54 -18.56
C CYS C 139 27.64 -21.96 -17.17
N LEU C 140 28.68 -21.49 -16.49
CA LEU C 140 28.47 -21.04 -15.09
C LEU C 140 28.73 -19.54 -14.96
N LEU C 141 27.87 -18.85 -14.22
CA LEU C 141 28.08 -17.40 -13.96
C LEU C 141 27.96 -17.22 -12.45
N ASN C 142 29.05 -16.89 -11.75
CA ASN C 142 29.02 -16.94 -10.25
C ASN C 142 28.42 -15.70 -9.59
N ASN C 143 28.75 -14.49 -10.04
CA ASN C 143 28.26 -13.27 -9.33
C ASN C 143 28.03 -12.03 -10.20
N PHE C 144 26.88 -11.35 -10.07
CA PHE C 144 26.54 -10.05 -10.72
C PHE C 144 25.22 -9.53 -10.17
N TYR C 145 24.91 -8.24 -10.38
CA TYR C 145 23.69 -7.64 -9.80
C TYR C 145 22.33 -8.17 -10.29
N PRO C 146 22.09 -8.47 -11.59
CA PRO C 146 20.77 -8.92 -12.04
C PRO C 146 20.66 -10.45 -11.96
N ARG C 147 19.59 -11.02 -12.52
CA ARG C 147 19.39 -12.49 -12.47
C ARG C 147 19.54 -13.08 -13.88
N GLU C 148 19.79 -12.24 -14.88
CA GLU C 148 19.86 -12.75 -16.28
C GLU C 148 21.13 -12.26 -16.97
N ALA C 149 21.80 -13.13 -17.73
CA ALA C 149 23.00 -12.71 -18.50
C ALA C 149 22.93 -13.20 -19.95
N LYS C 150 21.72 -13.46 -20.46
CA LYS C 150 21.56 -13.85 -21.88
C LYS C 150 22.66 -14.82 -22.32
N VAL C 151 22.85 -15.92 -21.61
CA VAL C 151 23.85 -16.94 -22.02
C VAL C 151 23.25 -17.57 -23.29
N GLN C 152 23.72 -17.15 -24.46
CA GLN C 152 23.19 -17.75 -25.72
C GLN C 152 24.13 -18.83 -26.25
N TRP C 153 23.61 -19.87 -26.89
CA TRP C 153 24.49 -20.98 -27.32
C TRP C 153 24.81 -21.13 -28.81
N LYS C 154 26.10 -21.13 -29.16
CA LYS C 154 26.51 -21.30 -30.58
C LYS C 154 27.14 -22.66 -30.88
N VAL C 155 26.41 -23.54 -31.56
CA VAL C 155 27.01 -24.86 -31.95
C VAL C 155 27.65 -24.68 -33.33
N ASP C 156 28.97 -24.84 -33.43
CA ASP C 156 29.65 -24.57 -34.72
C ASP C 156 29.14 -23.24 -35.26
N ASN C 157 29.13 -22.20 -34.40
CA ASN C 157 28.71 -20.83 -34.83
C ASN C 157 27.24 -20.84 -35.27
N ALA C 158 26.40 -21.67 -34.65
CA ALA C 158 24.95 -21.64 -34.97
C ALA C 158 24.17 -21.48 -33.66
N LEU C 159 23.50 -20.34 -33.47
CA LEU C 159 22.79 -20.09 -32.19
C LEU C 159 21.83 -21.24 -31.90
N GLN C 160 21.87 -21.76 -30.67
CA GLN C 160 20.97 -22.87 -30.29
C GLN C 160 19.96 -22.36 -29.26
N SER C 161 18.66 -22.45 -29.59
CA SER C 161 17.59 -21.96 -28.69
C SER C 161 16.68 -23.13 -28.33
N GLY C 162 16.09 -23.11 -27.13
CA GLY C 162 15.22 -24.21 -26.68
C GLY C 162 16.03 -25.31 -26.01
N ASN C 163 17.04 -25.83 -26.70
CA ASN C 163 17.91 -26.86 -26.09
C ASN C 163 18.55 -26.28 -24.82
N SER C 164 18.55 -24.95 -24.66
CA SER C 164 19.10 -24.40 -23.40
C SER C 164 18.14 -24.30 -22.20
N GLN C 165 18.67 -24.41 -20.98
CA GLN C 165 17.84 -24.26 -19.78
C GLN C 165 18.67 -23.53 -18.73
N GLU C 166 18.06 -22.54 -18.08
CA GLU C 166 18.77 -21.68 -17.14
C GLU C 166 18.12 -21.74 -15.77
N SER C 167 18.94 -21.91 -14.74
CA SER C 167 18.49 -21.92 -13.35
C SER C 167 19.27 -20.87 -12.58
N VAL C 168 18.62 -20.28 -11.58
CA VAL C 168 19.11 -19.06 -10.96
C VAL C 168 19.10 -19.23 -9.44
N THR C 169 20.16 -18.77 -8.79
CA THR C 169 20.20 -18.75 -7.33
C THR C 169 19.69 -17.40 -6.81
N GLU C 170 19.73 -17.23 -5.49
CA GLU C 170 19.30 -15.99 -4.85
C GLU C 170 20.51 -15.15 -4.47
N GLN C 171 20.23 -13.92 -4.05
CA GLN C 171 21.27 -13.01 -3.60
C GLN C 171 22.03 -13.57 -2.40
N ASP C 172 23.32 -13.86 -2.61
CA ASP C 172 24.16 -14.37 -1.49
C ASP C 172 24.03 -13.41 -0.31
N SER C 173 23.73 -13.95 0.86
CA SER C 173 23.52 -13.07 2.04
C SER C 173 24.77 -12.19 2.23
N LYS C 174 25.96 -12.79 2.13
CA LYS C 174 27.21 -12.03 2.38
C LYS C 174 27.26 -10.83 1.43
N ASP C 175 27.10 -11.08 0.13
CA ASP C 175 27.14 -10.00 -0.88
C ASP C 175 26.06 -10.26 -1.94
N SER C 176 25.17 -9.30 -2.16
CA SER C 176 24.09 -9.48 -3.18
C SER C 176 24.89 -9.95 -4.40
N THR C 177 24.68 -11.21 -4.81
CA THR C 177 25.45 -11.78 -5.95
C THR C 177 24.70 -13.03 -6.41
N TYR C 178 23.82 -12.89 -7.39
CA TYR C 178 23.06 -14.06 -7.94
C TYR C 178 24.05 -14.96 -8.70
N SER C 179 23.73 -16.26 -8.83
CA SER C 179 24.58 -17.16 -9.64
C SER C 179 23.70 -17.88 -10.67
N LEU C 180 24.28 -18.22 -11.83
CA LEU C 180 23.49 -18.86 -12.93
C LEU C 180 24.13 -20.19 -13.34
N SER C 181 23.36 -21.07 -13.99
CA SER C 181 23.92 -22.35 -14.49
C SER C 181 23.13 -22.80 -15.73
N SER C 182 23.22 -22.04 -16.83
CA SER C 182 22.53 -22.44 -18.09
C SER C 182 23.06 -23.79 -18.56
N THR C 183 22.18 -24.74 -18.86
CA THR C 183 22.61 -26.08 -19.31
C THR C 183 22.00 -26.26 -20.70
N LEU C 184 22.72 -26.91 -21.61
CA LEU C 184 22.14 -27.25 -22.94
C LEU C 184 22.36 -28.76 -23.09
N THR C 185 21.27 -29.53 -23.13
CA THR C 185 21.39 -31.00 -23.19
C THR C 185 21.08 -31.43 -24.63
N LEU C 186 21.87 -32.35 -25.17
CA LEU C 186 21.67 -32.82 -26.56
C LEU C 186 22.00 -34.32 -26.65
N SER C 187 21.63 -34.96 -27.76
CA SER C 187 21.93 -36.37 -27.94
C SER C 187 23.41 -36.56 -28.26
N LYS C 188 23.87 -37.81 -28.10
CA LYS C 188 25.25 -38.13 -28.49
C LYS C 188 25.50 -37.77 -29.94
N ALA C 189 24.52 -38.02 -30.81
CA ALA C 189 24.65 -37.70 -32.23
C ALA C 189 25.07 -36.27 -32.52
N ASP C 190 24.44 -35.32 -31.83
CA ASP C 190 24.74 -33.91 -32.06
C ASP C 190 26.12 -33.62 -31.45
N TYR C 191 26.46 -34.31 -30.37
CA TYR C 191 27.78 -34.13 -29.75
C TYR C 191 28.89 -34.54 -30.72
N GLU C 192 28.70 -35.67 -31.40
CA GLU C 192 29.69 -36.15 -32.37
C GLU C 192 29.63 -35.43 -33.70
N LYS C 193 28.48 -34.81 -34.04
CA LYS C 193 28.33 -34.11 -35.31
C LYS C 193 29.16 -32.84 -35.35
N HIS C 194 29.29 -32.15 -34.22
CA HIS C 194 29.84 -30.79 -34.18
C HIS C 194 30.84 -30.72 -33.05
N LYS C 195 32.09 -30.35 -33.37
CA LYS C 195 33.13 -30.35 -32.36
C LYS C 195 33.09 -29.13 -31.46
N VAL C 196 32.61 -27.99 -31.96
CA VAL C 196 32.87 -26.71 -31.32
C VAL C 196 31.63 -26.19 -30.64
N TYR C 197 31.74 -25.80 -29.35
CA TYR C 197 30.52 -25.40 -28.60
C TYR C 197 30.68 -24.05 -27.90
N ALA C 198 30.81 -22.96 -28.65
CA ALA C 198 31.04 -21.63 -28.04
C ALA C 198 29.74 -21.07 -27.46
N CYS C 199 29.79 -20.47 -26.25
CA CYS C 199 28.59 -19.83 -25.66
C CYS C 199 28.70 -18.33 -25.98
N GLU C 200 27.73 -17.77 -25.38
CA GLU C 200 27.96 -16.33 -25.29
C GLU C 200 27.28 -15.68 -24.08
N VAL C 201 28.13 -15.08 -23.22
CA VAL C 201 27.62 -14.38 -22.00
C VAL C 201 27.53 -12.89 -22.29
N THR C 202 26.47 -12.23 -21.83
CA THR C 202 26.30 -10.76 -22.06
C THR C 202 25.63 -10.14 -20.83
N HIS C 203 26.23 -9.10 -20.24
CA HIS C 203 25.57 -8.39 -19.11
C HIS C 203 26.19 -6.99 -18.99
N GLN C 204 25.93 -6.30 -17.88
CA GLN C 204 26.40 -4.90 -17.74
C GLN C 204 27.91 -4.83 -17.48
N GLY C 205 28.42 -5.55 -16.48
CA GLY C 205 29.84 -5.44 -16.12
C GLY C 205 30.79 -5.71 -17.27
N LEU C 206 30.28 -6.34 -18.34
CA LEU C 206 31.14 -6.72 -19.48
C LEU C 206 30.86 -5.83 -20.69
N SER C 207 31.81 -4.98 -21.06
CA SER C 207 31.62 -4.16 -22.29
C SER C 207 31.83 -5.08 -23.50
N SER C 208 32.57 -6.18 -23.31
CA SER C 208 32.83 -7.14 -24.40
C SER C 208 32.13 -8.48 -24.10
N PRO C 209 31.30 -9.03 -25.01
CA PRO C 209 30.70 -10.34 -24.81
C PRO C 209 31.78 -11.43 -24.71
N VAL C 210 31.72 -12.27 -23.69
CA VAL C 210 32.72 -13.37 -23.52
C VAL C 210 32.11 -14.68 -24.00
N THR C 211 32.70 -15.31 -25.02
CA THR C 211 32.27 -16.67 -25.46
C THR C 211 33.43 -17.61 -25.12
N LYS C 212 33.16 -18.77 -24.50
CA LYS C 212 34.25 -19.76 -24.30
C LYS C 212 34.00 -20.94 -25.25
N SER C 213 34.90 -21.15 -26.24
CA SER C 213 34.67 -22.19 -27.28
C SER C 213 34.46 -23.58 -26.67
N PHE C 214 35.51 -24.17 -26.07
CA PHE C 214 35.42 -25.56 -25.54
C PHE C 214 35.12 -26.62 -26.60
N ASN C 215 36.05 -26.85 -27.53
CA ASN C 215 35.84 -27.85 -28.62
C ASN C 215 35.60 -29.28 -28.11
N ARG C 216 35.25 -30.22 -28.99
CA ARG C 216 34.92 -31.59 -28.53
C ARG C 216 36.21 -32.28 -28.08
N GLY C 217 37.26 -32.19 -28.90
CA GLY C 217 38.56 -32.79 -28.53
C GLY C 217 39.51 -31.75 -27.95
N GLU C 218 39.98 -31.98 -26.71
CA GLU C 218 40.90 -31.02 -26.05
C GLU C 218 42.19 -31.74 -25.65
N GLY D 1 -43.59 -31.72 19.47
CA GLY D 1 -43.51 -31.97 18.04
C GLY D 1 -42.30 -31.35 17.37
N ASP D 2 -41.98 -31.84 16.19
CA ASP D 2 -40.85 -31.30 15.42
C ASP D 2 -41.25 -29.91 14.93
N THR D 3 -40.33 -28.95 15.09
CA THR D 3 -40.61 -27.56 14.73
C THR D 3 -39.39 -26.94 14.11
N LEU D 4 -39.61 -25.91 13.29
CA LEU D 4 -38.57 -25.10 12.68
C LEU D 4 -38.94 -23.64 12.85
N CYS D 5 -37.99 -22.84 13.33
CA CYS D 5 -38.23 -21.44 13.62
C CYS D 5 -37.29 -20.56 12.81
N ILE D 6 -37.70 -19.31 12.60
CA ILE D 6 -36.99 -18.36 11.75
C ILE D 6 -36.49 -17.22 12.63
N GLY D 7 -35.30 -16.70 12.31
CA GLY D 7 -34.75 -15.63 13.13
C GLY D 7 -33.57 -14.86 12.57
N TYR D 8 -33.42 -13.60 13.01
CA TYR D 8 -32.32 -12.74 12.63
C TYR D 8 -31.24 -12.60 13.70
N HIS D 9 -30.11 -12.02 13.30
CA HIS D 9 -28.93 -11.95 14.16
C HIS D 9 -28.94 -10.84 15.21
N ALA D 10 -28.26 -11.10 16.33
CA ALA D 10 -28.17 -10.06 17.40
C ALA D 10 -26.87 -10.23 18.17
N ASN D 11 -26.13 -9.13 18.38
CA ASN D 11 -24.82 -9.20 19.08
C ASN D 11 -24.84 -8.22 20.25
N ASN D 12 -23.67 -7.77 20.70
CA ASN D 12 -23.64 -6.74 21.79
C ASN D 12 -22.94 -5.47 21.28
N SER D 13 -23.19 -5.09 20.02
CA SER D 13 -22.60 -3.84 19.46
C SER D 13 -23.49 -2.65 19.81
N THR D 14 -23.03 -1.81 20.76
CA THR D 14 -23.82 -0.63 21.19
C THR D 14 -23.78 0.44 20.10
N ASP D 15 -23.16 0.14 18.96
CA ASP D 15 -23.08 1.10 17.83
C ASP D 15 -24.44 1.77 17.61
N THR D 16 -24.48 3.10 17.60
CA THR D 16 -25.72 3.81 17.31
C THR D 16 -25.65 4.38 15.91
N VAL D 17 -26.69 4.12 15.11
CA VAL D 17 -26.77 4.61 13.74
C VAL D 17 -28.14 5.23 13.54
N ASP D 18 -28.16 6.45 13.00
CA ASP D 18 -29.41 7.18 12.80
C ASP D 18 -30.01 6.87 11.44
N THR D 19 -31.33 7.04 11.35
CA THR D 19 -32.09 6.81 10.13
C THR D 19 -33.00 8.02 9.89
N VAL D 20 -33.75 7.97 8.79
CA VAL D 20 -34.76 8.99 8.56
C VAL D 20 -35.92 8.84 9.53
N LEU D 21 -36.37 7.61 9.76
CA LEU D 21 -37.49 7.40 10.67
C LEU D 21 -37.06 7.56 12.12
N GLU D 22 -36.00 6.87 12.52
CA GLU D 22 -35.58 6.83 13.92
C GLU D 22 -34.11 7.23 14.03
N LYS D 23 -33.67 7.51 15.26
CA LYS D 23 -32.25 7.88 15.47
C LYS D 23 -31.71 7.02 16.63
N ASN D 24 -30.39 7.07 16.87
CA ASN D 24 -29.79 6.30 17.99
C ASN D 24 -30.20 4.83 17.88
N VAL D 25 -30.40 4.34 16.66
CA VAL D 25 -30.79 2.90 16.45
C VAL D 25 -29.52 2.04 16.58
N THR D 26 -29.55 1.05 17.46
CA THR D 26 -28.39 0.18 17.62
C THR D 26 -28.47 -0.94 16.59
N VAL D 27 -27.40 -1.10 15.81
CA VAL D 27 -27.34 -2.10 14.77
C VAL D 27 -26.25 -3.10 15.12
N THR D 28 -26.37 -4.30 14.52
CA THR D 28 -25.40 -5.36 14.81
C THR D 28 -24.02 -5.00 14.27
N HIS D 29 -23.95 -4.54 13.02
CA HIS D 29 -22.69 -4.18 12.40
C HIS D 29 -22.86 -2.87 11.65
N SER D 30 -21.86 -2.01 11.74
CA SER D 30 -21.93 -0.71 11.07
C SER D 30 -20.53 -0.28 10.64
N VAL D 31 -20.50 0.67 9.71
CA VAL D 31 -19.27 1.30 9.23
C VAL D 31 -19.33 2.78 9.58
N ASN D 32 -18.20 3.33 10.03
CA ASN D 32 -18.11 4.74 10.38
C ASN D 32 -17.27 5.47 9.33
N LEU D 33 -17.78 6.61 8.88
CA LEU D 33 -17.10 7.39 7.84
C LEU D 33 -16.39 8.62 8.37
N LEU D 34 -16.89 9.22 9.45
CA LEU D 34 -16.21 10.35 10.09
C LEU D 34 -15.27 9.85 11.18
N GLU D 35 -14.42 10.77 11.65
CA GLU D 35 -13.45 10.43 12.68
C GLU D 35 -12.94 11.69 13.35
N ASP D 36 -12.68 11.59 14.64
CA ASP D 36 -12.25 12.74 15.44
C ASP D 36 -10.92 12.48 16.12
N LYS D 37 -10.14 11.53 15.62
CA LYS D 37 -8.86 11.16 16.29
C LYS D 37 -7.73 12.11 15.89
N HIS D 38 -7.22 12.90 16.84
CA HIS D 38 -6.05 13.78 16.57
C HIS D 38 -5.21 13.85 17.85
N ASN D 39 -3.89 13.68 17.73
CA ASN D 39 -3.02 13.63 18.94
C ASN D 39 -3.06 14.95 19.70
N GLY D 40 -2.93 16.07 19.00
CA GLY D 40 -2.93 17.39 19.66
C GLY D 40 -1.58 18.07 19.62
N LYS D 41 -0.49 17.30 19.57
CA LYS D 41 0.88 17.89 19.43
C LYS D 41 1.20 17.87 17.94
N LEU D 42 1.47 19.02 17.33
CA LEU D 42 1.65 19.05 15.84
C LEU D 42 2.91 18.27 15.47
N CYS D 43 2.76 17.14 14.79
CA CYS D 43 3.94 16.29 14.48
C CYS D 43 4.47 16.57 13.08
N ASP D 44 5.25 15.67 12.52
CA ASP D 44 5.88 15.90 11.19
C ASP D 44 4.98 15.31 10.10
N LEU D 45 5.32 15.54 8.83
CA LEU D 45 4.55 14.95 7.71
C LEU D 45 5.04 13.79 6.85
N ASP D 46 6.20 13.95 6.20
CA ASP D 46 6.77 12.87 5.35
C ASP D 46 8.26 13.16 5.60
N GLY D 47 8.65 13.35 6.87
CA GLY D 47 10.05 13.63 7.23
C GLY D 47 10.44 15.03 6.82
N VAL D 48 9.48 15.96 6.82
CA VAL D 48 9.76 17.35 6.36
C VAL D 48 9.23 18.30 7.44
N LYS D 49 10.13 18.89 8.23
CA LYS D 49 9.73 19.78 9.34
C LYS D 49 9.02 21.02 8.79
N PRO D 50 8.01 21.57 9.49
CA PRO D 50 7.35 22.79 9.04
C PRO D 50 8.02 24.09 9.49
N LEU D 51 7.70 25.20 8.83
CA LEU D 51 8.26 26.52 9.21
C LEU D 51 7.39 27.01 10.37
N ILE D 52 7.64 26.49 11.59
CA ILE D 52 6.80 26.88 12.74
C ILE D 52 7.21 28.32 12.91
N LEU D 53 6.32 29.25 12.55
CA LEU D 53 6.70 30.69 12.57
C LEU D 53 6.55 31.23 14.00
N ARG D 54 6.58 30.35 15.00
CA ARG D 54 6.52 30.84 16.40
C ARG D 54 5.50 31.98 16.47
N ASP D 55 5.93 33.15 16.94
CA ASP D 55 4.97 34.28 17.10
C ASP D 55 4.74 35.21 15.92
N CYS D 56 5.81 35.46 15.18
CA CYS D 56 5.81 36.42 14.04
C CYS D 56 4.82 35.94 12.97
N SER D 57 3.96 36.87 12.53
CA SER D 57 2.96 36.55 11.49
C SER D 57 3.64 36.21 10.16
N VAL D 58 2.88 35.61 9.24
CA VAL D 58 3.43 35.23 7.94
C VAL D 58 3.95 36.48 7.23
N ALA D 59 3.21 37.59 7.32
CA ALA D 59 3.69 38.86 6.78
C ALA D 59 5.07 39.24 7.32
N GLY D 60 5.26 39.14 8.63
CA GLY D 60 6.55 39.49 9.21
C GLY D 60 7.69 38.65 8.64
N TRP D 61 7.49 37.34 8.56
CA TRP D 61 8.50 36.47 7.96
C TRP D 61 8.81 36.91 6.54
N LEU D 62 7.78 37.24 5.76
CA LEU D 62 7.99 37.70 4.39
C LEU D 62 8.58 39.11 4.37
N LEU D 63 7.96 40.02 5.11
CA LEU D 63 8.39 41.43 5.14
C LEU D 63 9.69 41.63 5.88
N GLY D 64 10.27 40.59 6.49
CA GLY D 64 11.53 40.72 7.18
C GLY D 64 11.46 41.56 8.42
N ASN D 65 10.59 41.19 9.36
CA ASN D 65 10.52 41.88 10.64
C ASN D 65 11.80 41.63 11.44
N PRO D 66 12.34 42.65 12.10
CA PRO D 66 13.63 42.47 12.80
C PRO D 66 13.55 41.43 13.91
N MET D 67 12.50 41.50 14.72
CA MET D 67 12.32 40.41 15.71
C MET D 67 11.90 39.19 14.90
N CYS D 68 12.24 37.98 15.33
CA CYS D 68 11.92 36.78 14.53
C CYS D 68 12.62 36.89 13.17
N ASP D 69 13.93 37.14 13.19
CA ASP D 69 14.72 37.17 11.93
C ASP D 69 15.37 35.80 11.73
N GLU D 70 15.39 34.98 12.79
CA GLU D 70 16.02 33.64 12.72
C GLU D 70 15.51 32.87 11.50
N PHE D 71 14.22 32.99 11.19
CA PHE D 71 13.64 32.28 10.01
C PHE D 71 13.87 33.11 8.75
N ILE D 72 15.04 32.96 8.13
CA ILE D 72 15.35 33.70 6.88
C ILE D 72 15.81 32.67 5.84
N ASN D 73 16.94 32.01 6.09
CA ASN D 73 17.47 31.04 5.11
C ASN D 73 17.05 29.65 5.56
N VAL D 74 15.86 29.48 6.14
CA VAL D 74 15.54 28.08 6.57
C VAL D 74 15.26 27.27 5.29
N PRO D 75 15.70 25.99 5.17
CA PRO D 75 15.49 25.23 3.92
C PRO D 75 14.00 24.96 3.65
N GLU D 76 13.71 24.15 2.62
CA GLU D 76 12.30 23.90 2.22
C GLU D 76 11.43 23.39 3.38
N TRP D 77 10.21 23.90 3.49
CA TRP D 77 9.24 23.38 4.51
C TRP D 77 8.02 22.70 3.91
N SER D 78 7.62 21.54 4.45
CA SER D 78 6.45 20.81 3.92
C SER D 78 5.24 21.75 4.10
N TYR D 79 5.16 22.41 5.26
CA TYR D 79 4.05 23.37 5.50
C TYR D 79 4.52 24.58 6.32
N ILE D 80 3.62 25.51 6.59
CA ILE D 80 3.94 26.76 7.34
C ILE D 80 2.97 26.90 8.52
N VAL D 81 3.50 27.01 9.73
CA VAL D 81 2.64 27.11 10.92
C VAL D 81 2.73 28.54 11.46
N GLU D 82 1.58 29.21 11.54
CA GLU D 82 1.49 30.55 12.12
C GLU D 82 0.62 30.48 13.37
N LYS D 83 1.14 31.00 14.48
CA LYS D 83 0.32 31.08 15.71
C LYS D 83 -0.76 32.14 15.49
N ALA D 84 -1.98 31.86 15.92
CA ALA D 84 -3.06 32.87 15.81
C ALA D 84 -2.72 34.04 16.73
N ASN D 85 -3.31 35.20 16.48
CA ASN D 85 -3.01 36.41 17.28
C ASN D 85 -1.48 36.56 17.35
N PRO D 86 -0.73 36.77 16.24
CA PRO D 86 0.71 37.02 16.33
C PRO D 86 0.97 38.18 17.31
N VAL D 87 1.69 37.93 18.41
CA VAL D 87 1.90 38.97 19.44
C VAL D 87 3.28 39.63 19.26
N ASN D 88 4.35 38.82 19.21
CA ASN D 88 5.72 39.40 19.13
C ASN D 88 5.82 40.34 17.92
N ASP D 89 5.29 39.93 16.77
CA ASP D 89 5.42 40.75 15.54
C ASP D 89 4.17 41.60 15.35
N LEU D 90 4.29 42.92 15.52
CA LEU D 90 3.14 43.84 15.29
C LEU D 90 3.11 44.22 13.82
N CYS D 91 4.13 43.82 13.05
CA CYS D 91 4.20 44.08 11.60
C CYS D 91 4.04 45.59 11.37
N TYR D 92 4.07 46.38 12.45
CA TYR D 92 3.91 47.86 12.35
C TYR D 92 2.48 48.20 11.89
N PRO D 93 2.01 49.46 12.03
CA PRO D 93 0.68 49.84 11.51
C PRO D 93 0.63 49.72 9.99
N GLY D 94 -0.32 48.95 9.45
CA GLY D 94 -0.44 48.77 7.99
C GLY D 94 -1.37 47.64 7.60
N ASP D 95 -1.91 47.68 6.38
CA ASP D 95 -2.87 46.63 5.91
C ASP D 95 -2.30 45.90 4.69
N PHE D 96 -1.89 44.64 4.85
CA PHE D 96 -1.40 43.86 3.69
C PHE D 96 -2.54 43.66 2.69
N ASN D 97 -2.21 43.49 1.40
CA ASN D 97 -3.27 43.41 0.37
C ASN D 97 -3.18 42.05 -0.34
N ASP D 98 -4.20 41.70 -1.13
CA ASP D 98 -4.23 40.40 -1.80
C ASP D 98 -3.66 39.31 -0.90
N TYR D 99 -4.08 39.34 0.37
CA TYR D 99 -3.48 38.50 1.42
C TYR D 99 -3.79 37.01 1.30
N GLU D 100 -5.07 36.64 1.27
CA GLU D 100 -5.39 35.21 1.23
C GLU D 100 -5.02 34.71 -0.16
N GLU D 101 -5.03 35.59 -1.17
CA GLU D 101 -4.50 35.24 -2.48
C GLU D 101 -3.04 34.82 -2.36
N LEU D 102 -2.25 35.63 -1.65
CA LEU D 102 -0.87 35.26 -1.39
C LEU D 102 -0.81 33.97 -0.56
N LYS D 103 -1.72 33.82 0.40
CA LYS D 103 -1.72 32.62 1.23
C LYS D 103 -1.86 31.36 0.39
N HIS D 104 -2.76 31.37 -0.60
CA HIS D 104 -2.91 30.22 -1.47
C HIS D 104 -1.74 30.06 -2.43
N LEU D 105 -1.11 31.17 -2.81
CA LEU D 105 0.18 31.08 -3.51
C LEU D 105 1.19 30.32 -2.67
N LEU D 106 1.27 30.68 -1.38
CA LEU D 106 2.18 29.98 -0.47
C LEU D 106 1.77 28.53 -0.28
N SER D 107 0.48 28.22 -0.44
CA SER D 107 0.01 26.84 -0.33
C SER D 107 0.59 25.95 -1.41
N ARG D 108 1.29 26.51 -2.40
CA ARG D 108 1.97 25.74 -3.42
C ARG D 108 3.47 26.03 -3.48
N ILE D 109 4.04 26.65 -2.45
CA ILE D 109 5.49 26.91 -2.41
C ILE D 109 6.07 26.17 -1.20
N ASN D 110 7.18 25.45 -1.42
CA ASN D 110 7.87 24.77 -0.34
C ASN D 110 9.20 25.40 0.04
N HIS D 111 9.89 26.06 -0.88
CA HIS D 111 11.20 26.61 -0.57
C HIS D 111 11.35 28.01 -1.15
N PHE D 112 11.90 28.92 -0.35
CA PHE D 112 12.23 30.27 -0.77
C PHE D 112 13.72 30.53 -0.57
N GLU D 113 14.23 31.52 -1.29
CA GLU D 113 15.62 31.97 -1.16
C GLU D 113 15.65 33.47 -1.40
N LYS D 114 16.08 34.22 -0.39
CA LYS D 114 16.14 35.67 -0.50
C LYS D 114 17.21 36.10 -1.49
N ILE D 115 17.02 37.29 -2.07
CA ILE D 115 18.05 37.87 -2.98
C ILE D 115 18.04 39.39 -2.81
N GLN D 116 19.13 40.06 -3.18
CA GLN D 116 19.21 41.54 -3.08
C GLN D 116 18.78 42.15 -4.42
N ILE D 117 17.48 42.37 -4.59
CA ILE D 117 16.96 42.92 -5.88
C ILE D 117 17.54 44.32 -6.09
N ILE D 118 17.42 45.19 -5.08
CA ILE D 118 17.87 46.60 -5.20
C ILE D 118 18.77 46.92 -4.01
N PRO D 119 19.80 47.79 -4.11
CA PRO D 119 20.60 48.16 -2.93
C PRO D 119 20.11 49.46 -2.26
N LYS D 120 20.77 49.88 -1.18
CA LYS D 120 20.41 51.16 -0.51
C LYS D 120 21.15 52.30 -1.19
N SER D 121 22.24 52.00 -1.91
CA SER D 121 23.00 53.04 -2.64
C SER D 121 22.06 53.68 -3.68
N SER D 122 21.19 52.85 -4.26
CA SER D 122 20.25 53.36 -5.29
C SER D 122 19.52 54.56 -4.70
N TRP D 123 18.99 54.41 -3.50
CA TRP D 123 18.19 55.51 -2.91
C TRP D 123 18.96 56.53 -2.08
N SER D 124 20.20 56.21 -1.69
CA SER D 124 21.03 57.17 -0.93
C SER D 124 21.32 58.22 -1.99
N SER D 125 21.68 57.78 -3.20
CA SER D 125 21.94 58.71 -4.33
C SER D 125 21.02 59.93 -4.39
N HIS D 126 19.71 59.74 -4.19
CA HIS D 126 18.81 60.91 -4.15
C HIS D 126 17.85 60.89 -2.96
N GLU D 127 18.03 59.92 -2.06
CA GLU D 127 17.16 59.88 -0.79
C GLU D 127 17.87 59.82 0.55
N ALA D 128 17.15 59.39 1.59
CA ALA D 128 17.72 59.28 2.96
C ALA D 128 17.43 57.87 3.48
N SER D 129 18.38 57.26 4.20
CA SER D 129 18.28 55.87 4.72
C SER D 129 16.98 55.72 5.51
N LEU D 130 16.50 54.46 5.63
CA LEU D 130 15.27 54.13 6.40
C LEU D 130 15.46 54.60 7.86
N GLY D 131 14.41 55.15 8.45
CA GLY D 131 14.51 55.66 9.83
C GLY D 131 14.22 54.58 10.85
N VAL D 132 13.24 54.81 11.73
CA VAL D 132 12.98 53.84 12.82
C VAL D 132 11.47 53.57 12.92
N SER D 133 11.05 52.92 14.00
CA SER D 133 9.59 52.72 14.22
C SER D 133 9.32 52.82 15.72
N SER D 134 8.41 53.72 16.12
CA SER D 134 8.11 53.92 17.55
C SER D 134 7.86 52.57 18.21
N ALA D 135 8.58 52.27 19.30
CA ALA D 135 8.42 50.98 20.02
C ALA D 135 8.60 49.81 19.06
N CYS D 136 9.41 49.99 18.00
CA CYS D 136 9.71 48.84 17.09
C CYS D 136 11.21 48.74 16.82
N PRO D 137 12.07 48.54 17.85
CA PRO D 137 13.50 48.30 17.67
C PRO D 137 13.78 46.97 16.97
N TYR D 138 14.95 46.84 16.33
CA TYR D 138 15.30 45.54 15.70
C TYR D 138 15.38 44.49 16.82
N GLN D 139 16.18 44.77 17.86
CA GLN D 139 16.29 43.88 19.03
C GLN D 139 16.34 44.94 20.11
N GLY D 140 17.29 45.87 20.02
CA GLY D 140 17.42 46.98 21.02
C GLY D 140 17.67 48.38 20.54
N LYS D 141 17.44 48.64 19.25
CA LYS D 141 17.69 50.01 18.69
C LYS D 141 16.49 50.09 17.70
N SER D 142 15.66 51.13 17.84
CA SER D 142 14.44 51.27 16.98
C SER D 142 14.84 51.01 15.53
N SER D 143 14.00 50.31 14.76
CA SER D 143 14.40 49.93 13.41
C SER D 143 13.15 49.72 12.57
N PHE D 144 13.32 49.02 11.43
CA PHE D 144 12.28 48.83 10.44
C PHE D 144 12.40 47.42 9.87
N PHE D 145 11.50 47.09 8.94
CA PHE D 145 11.58 45.83 8.23
C PHE D 145 12.88 45.73 7.44
N ARG D 146 13.46 44.53 7.38
CA ARG D 146 14.77 44.36 6.77
C ARG D 146 14.70 44.11 5.26
N ASN D 147 13.53 43.76 4.74
CA ASN D 147 13.39 43.46 3.31
C ASN D 147 12.84 44.63 2.50
N VAL D 148 12.55 45.77 3.15
CA VAL D 148 12.00 46.92 2.46
C VAL D 148 12.68 48.16 3.04
N VAL D 149 12.69 49.24 2.26
CA VAL D 149 13.40 50.46 2.61
C VAL D 149 12.39 51.55 2.97
N TRP D 150 12.44 52.03 4.21
CA TRP D 150 11.54 53.14 4.62
C TRP D 150 12.23 54.42 4.10
N LEU D 151 12.14 54.69 2.80
CA LEU D 151 12.88 55.88 2.24
C LEU D 151 12.44 57.18 2.87
N ILE D 152 13.35 58.17 3.00
CA ILE D 152 13.00 59.49 3.60
C ILE D 152 13.65 60.53 2.67
N LYS D 153 13.23 61.80 2.75
CA LYS D 153 13.75 62.85 1.82
C LYS D 153 15.18 63.26 2.20
N LYS D 154 15.99 63.65 1.21
CA LYS D 154 17.37 64.14 1.48
C LYS D 154 17.46 65.68 1.50
N ASN D 155 17.80 66.26 2.66
CA ASN D 155 17.95 67.72 2.77
C ASN D 155 16.69 68.39 2.23
N SER D 156 15.51 67.95 2.67
CA SER D 156 14.24 68.51 2.22
C SER D 156 14.09 68.45 0.70
N THR D 157 14.78 67.48 0.08
CA THR D 157 14.63 67.31 -1.40
C THR D 157 14.26 65.87 -1.72
N TYR D 158 12.97 65.59 -1.91
CA TYR D 158 12.54 64.22 -2.32
C TYR D 158 11.98 64.30 -3.75
N PRO D 159 12.79 64.01 -4.79
CA PRO D 159 12.33 64.10 -6.17
C PRO D 159 11.56 62.85 -6.60
N THR D 160 11.01 62.86 -7.82
CA THR D 160 10.31 61.69 -8.33
C THR D 160 11.36 60.69 -8.75
N ILE D 161 11.31 59.51 -8.15
CA ILE D 161 12.37 58.52 -8.32
C ILE D 161 11.78 57.33 -9.08
N LYS D 162 12.46 56.94 -10.15
CA LYS D 162 12.00 55.92 -11.09
C LYS D 162 13.08 54.86 -11.16
N ARG D 163 12.72 53.61 -10.91
CA ARG D 163 13.69 52.53 -11.00
C ARG D 163 12.98 51.26 -11.46
N SER D 164 13.77 50.29 -11.90
CA SER D 164 13.21 49.05 -12.41
C SER D 164 14.19 47.90 -12.22
N TYR D 165 13.65 46.68 -12.13
CA TYR D 165 14.51 45.49 -11.95
C TYR D 165 14.00 44.35 -12.83
N ASN D 166 14.90 43.55 -13.39
CA ASN D 166 14.50 42.42 -14.26
C ASN D 166 14.78 41.10 -13.55
N ASN D 167 13.81 40.19 -13.52
CA ASN D 167 14.08 38.84 -12.95
C ASN D 167 15.04 38.48 -14.07
N THR D 168 16.33 38.40 -13.77
CA THR D 168 17.37 38.21 -14.82
C THR D 168 17.47 36.75 -14.38
N ASN D 169 17.38 36.49 -13.08
CA ASN D 169 17.46 35.12 -12.58
C ASN D 169 16.29 34.30 -13.12
N GLN D 170 16.59 33.09 -13.57
CA GLN D 170 15.62 32.25 -14.25
C GLN D 170 14.90 31.52 -13.11
N GLU D 171 14.08 32.25 -12.36
CA GLU D 171 13.33 31.67 -11.25
C GLU D 171 12.34 32.74 -10.81
N ASP D 172 11.19 32.28 -10.31
CA ASP D 172 10.19 33.20 -9.80
C ASP D 172 10.70 33.87 -8.52
N LEU D 173 10.35 35.15 -8.35
CA LEU D 173 10.93 35.97 -7.28
C LEU D 173 9.83 36.86 -6.69
N LEU D 174 9.23 36.39 -5.60
CA LEU D 174 8.24 37.15 -4.86
C LEU D 174 8.83 38.47 -4.35
N VAL D 175 8.39 39.60 -4.91
CA VAL D 175 8.90 40.91 -4.56
C VAL D 175 7.81 41.69 -3.86
N LEU D 176 8.19 42.51 -2.88
CA LEU D 176 7.23 43.15 -1.99
C LEU D 176 7.60 44.61 -1.76
N TRP D 177 6.58 45.47 -1.71
CA TRP D 177 6.75 46.89 -1.42
C TRP D 177 5.60 47.36 -0.53
N GLY D 178 5.59 48.66 -0.24
CA GLY D 178 4.57 49.22 0.62
C GLY D 178 4.37 50.70 0.37
N ILE D 179 3.35 51.25 1.03
CA ILE D 179 2.95 52.65 0.90
C ILE D 179 2.72 53.20 2.30
N HIS D 180 3.26 54.39 2.58
CA HIS D 180 3.08 55.03 3.88
C HIS D 180 1.86 55.93 3.85
N HIS D 181 0.88 55.64 4.72
CA HIS D 181 -0.33 56.44 4.85
C HIS D 181 -0.25 57.26 6.12
N PRO D 182 0.17 58.56 6.08
CA PRO D 182 0.21 59.39 7.28
C PRO D 182 -1.20 59.81 7.75
N ASN D 183 -1.28 60.54 8.86
CA ASN D 183 -2.59 61.00 9.39
C ASN D 183 -2.60 62.53 9.41
N ASP D 184 -1.43 63.16 9.37
CA ASP D 184 -1.32 64.66 9.40
C ASP D 184 -0.62 65.08 8.13
N ALA D 185 -0.63 66.39 7.83
CA ALA D 185 0.12 66.90 6.66
C ALA D 185 1.52 67.11 7.13
N ALA D 186 1.67 67.47 8.40
CA ALA D 186 3.03 67.64 8.95
C ALA D 186 3.76 66.32 8.74
N GLU D 187 3.10 65.22 9.10
CA GLU D 187 3.77 63.90 8.99
C GLU D 187 4.31 63.76 7.57
N GLN D 188 3.45 64.01 6.57
CA GLN D 188 3.89 63.85 5.17
C GLN D 188 5.02 64.85 4.93
N THR D 189 4.79 66.13 5.22
CA THR D 189 5.81 67.17 4.91
C THR D 189 7.14 66.73 5.53
N LYS D 190 7.13 66.32 6.80
CA LYS D 190 8.38 65.93 7.49
C LYS D 190 8.97 64.69 6.83
N LEU D 191 8.12 63.74 6.41
CA LEU D 191 8.65 62.45 5.88
C LEU D 191 8.75 62.49 4.35
N TYR D 192 7.98 63.35 3.67
CA TYR D 192 7.98 63.40 2.18
C TYR D 192 7.61 64.83 1.75
N GLN D 193 8.60 65.60 1.29
CA GLN D 193 8.34 67.03 0.94
C GLN D 193 7.21 67.40 -0.01
N ASN D 194 7.15 66.72 -1.15
CA ASN D 194 6.03 67.01 -2.10
C ASN D 194 4.84 66.49 -1.30
N PRO D 195 3.74 67.26 -1.09
CA PRO D 195 2.55 66.74 -0.40
C PRO D 195 1.63 65.95 -1.34
N THR D 196 1.54 66.35 -2.60
CA THR D 196 0.73 65.58 -3.59
C THR D 196 1.66 64.53 -4.20
N THR D 197 1.49 63.25 -3.83
CA THR D 197 2.45 62.22 -4.31
C THR D 197 1.75 61.08 -5.04
N TYR D 198 2.48 60.01 -5.35
CA TYR D 198 1.95 58.86 -6.06
C TYR D 198 3.06 57.84 -5.90
N ILE D 199 2.74 56.59 -6.21
CA ILE D 199 3.69 55.48 -6.29
C ILE D 199 3.12 54.75 -7.53
N SER D 200 3.85 54.80 -8.63
CA SER D 200 3.31 54.30 -9.91
C SER D 200 4.17 53.04 -9.98
N VAL D 201 3.50 51.88 -10.05
CA VAL D 201 4.23 50.59 -10.18
C VAL D 201 3.97 50.05 -11.59
N GLY D 202 4.91 49.29 -12.14
CA GLY D 202 4.75 48.79 -13.54
C GLY D 202 5.45 47.47 -13.77
N THR D 203 4.67 46.39 -13.95
CA THR D 203 5.26 45.05 -14.17
C THR D 203 4.82 44.51 -15.52
N SER D 204 4.89 43.19 -15.69
CA SER D 204 4.40 42.57 -16.95
C SER D 204 2.96 43.03 -17.14
N THR D 205 2.13 42.81 -16.12
CA THR D 205 0.69 43.15 -16.23
C THR D 205 0.32 44.08 -15.09
N LEU D 206 0.95 43.90 -13.93
CA LEU D 206 0.57 44.70 -12.74
C LEU D 206 1.14 46.11 -12.87
N ASN D 207 0.63 46.90 -13.82
CA ASN D 207 1.07 48.29 -13.91
C ASN D 207 0.23 49.11 -12.92
N GLN D 208 0.54 48.91 -11.64
CA GLN D 208 -0.32 49.33 -10.53
C GLN D 208 0.07 50.72 -10.08
N ARG D 209 -0.48 51.74 -10.75
CA ARG D 209 -0.21 53.14 -10.40
C ARG D 209 -1.08 53.50 -9.20
N LEU D 210 -0.48 53.55 -8.02
CA LEU D 210 -1.19 53.73 -6.76
C LEU D 210 -0.96 55.12 -6.18
N VAL D 211 -1.68 55.41 -5.11
CA VAL D 211 -1.66 56.71 -4.43
C VAL D 211 -1.72 56.48 -2.92
N PRO D 212 -1.04 57.29 -2.08
CA PRO D 212 -1.20 57.15 -0.63
C PRO D 212 -2.51 57.83 -0.28
N ARG D 213 -2.82 57.91 1.01
CA ARG D 213 -4.09 58.54 1.42
C ARG D 213 -3.67 59.03 2.80
N ILE D 214 -4.02 60.25 3.17
CA ILE D 214 -3.49 60.89 4.41
C ILE D 214 -4.68 60.75 5.41
N ALA D 215 -4.90 59.56 5.99
CA ALA D 215 -6.07 59.36 6.87
C ALA D 215 -5.95 58.03 7.62
N THR D 216 -5.86 58.09 8.96
CA THR D 216 -5.75 56.86 9.78
C THR D 216 -6.54 57.04 11.08
N ARG D 217 -6.21 56.26 12.12
CA ARG D 217 -6.90 56.37 13.49
C ARG D 217 -5.84 56.74 14.45
N SER D 218 -6.06 56.43 15.73
CA SER D 218 -5.09 56.79 16.87
C SER D 218 -3.71 56.17 16.66
N LYS D 219 -2.74 56.68 17.43
CA LYS D 219 -1.34 56.16 17.36
C LYS D 219 -1.32 54.67 17.75
N VAL D 220 -1.14 53.79 16.77
CA VAL D 220 -1.02 52.33 17.08
C VAL D 220 0.45 52.05 17.40
N ASN D 221 0.74 51.52 18.60
CA ASN D 221 2.14 51.28 19.01
C ASN D 221 2.94 52.57 18.85
N GLY D 222 2.33 53.72 19.15
CA GLY D 222 3.06 55.00 19.12
C GLY D 222 3.10 55.63 17.74
N GLN D 223 2.43 55.03 16.75
CA GLN D 223 2.40 55.64 15.39
C GLN D 223 0.95 55.68 14.87
N SER D 224 0.40 56.88 14.67
CA SER D 224 -1.02 57.02 14.24
C SER D 224 -1.19 56.63 12.77
N GLY D 225 -0.19 56.88 11.93
CA GLY D 225 -0.32 56.63 10.47
C GLY D 225 -0.27 55.17 10.09
N ARG D 226 -0.57 54.83 8.83
CA ARG D 226 -0.63 53.41 8.41
C ARG D 226 0.43 53.13 7.35
N MET D 227 0.74 51.85 7.10
CA MET D 227 1.73 51.47 6.05
C MET D 227 1.28 50.17 5.39
N GLU D 228 0.33 50.25 4.45
CA GLU D 228 -0.14 49.04 3.73
C GLU D 228 1.01 48.48 2.88
N PHE D 229 1.25 47.17 2.94
CA PHE D 229 2.32 46.58 2.15
C PHE D 229 1.73 45.76 1.00
N PHE D 230 2.57 45.49 -0.01
CA PHE D 230 2.13 44.83 -1.23
C PHE D 230 3.06 43.67 -1.56
N TRP D 231 2.69 42.98 -2.64
CA TRP D 231 3.44 41.83 -3.12
C TRP D 231 3.05 41.64 -4.58
N THR D 232 3.85 40.83 -5.28
CA THR D 232 3.55 40.45 -6.65
C THR D 232 4.45 39.24 -6.91
N ILE D 233 3.89 38.19 -7.50
CA ILE D 233 4.77 37.05 -7.89
C ILE D 233 5.34 37.59 -9.20
N LEU D 234 6.63 37.41 -9.42
CA LEU D 234 7.27 37.99 -10.64
C LEU D 234 7.85 36.85 -11.50
N LYS D 235 7.56 36.88 -12.79
CA LYS D 235 8.09 35.84 -13.71
C LYS D 235 9.51 36.22 -14.13
N PRO D 236 10.37 35.27 -14.52
CA PRO D 236 11.72 35.59 -14.97
C PRO D 236 11.70 36.48 -16.20
N ASN D 237 12.79 37.25 -16.37
CA ASN D 237 12.96 38.18 -17.49
C ASN D 237 11.80 39.17 -17.57
N ASP D 238 11.38 39.67 -16.41
CA ASP D 238 10.30 40.65 -16.33
C ASP D 238 10.76 41.85 -15.53
N ALA D 239 10.26 43.03 -15.91
CA ALA D 239 10.73 44.30 -15.38
C ALA D 239 9.67 44.94 -14.48
N ILE D 240 10.13 45.57 -13.40
CA ILE D 240 9.24 46.15 -12.39
C ILE D 240 9.55 47.64 -12.31
N ASN D 241 8.74 48.46 -12.96
CA ASN D 241 8.98 49.90 -13.03
C ASN D 241 8.33 50.58 -11.83
N PHE D 242 9.12 50.87 -10.81
CA PHE D 242 8.66 51.59 -9.63
C PHE D 242 8.94 53.07 -9.80
N GLU D 243 7.90 53.90 -9.72
CA GLU D 243 8.03 55.34 -9.79
C GLU D 243 7.15 55.98 -8.72
N SER D 244 7.72 56.87 -7.92
CA SER D 244 6.99 57.43 -6.80
C SER D 244 7.73 58.73 -6.49
N ASN D 245 7.00 59.69 -5.93
CA ASN D 245 7.53 60.91 -5.34
C ASN D 245 6.90 61.23 -3.87
N GLY D 246 6.82 60.12 -3.18
CA GLY D 246 6.42 60.15 -1.78
C GLY D 246 5.62 59.01 -1.19
N ASN D 247 5.73 58.87 0.13
CA ASN D 247 4.95 57.89 0.89
C ASN D 247 5.20 56.47 0.43
N PHE D 248 6.42 56.18 -0.03
CA PHE D 248 6.74 54.93 -0.69
C PHE D 248 7.80 54.19 0.11
N ILE D 249 7.51 52.94 0.45
CA ILE D 249 8.44 52.07 1.14
C ILE D 249 8.97 51.11 0.08
N ALA D 250 10.13 51.44 -0.49
CA ALA D 250 10.67 50.68 -1.65
C ALA D 250 11.22 49.31 -1.28
N PRO D 251 11.09 48.30 -2.16
CA PRO D 251 11.67 46.98 -1.91
C PRO D 251 13.17 46.82 -2.16
N GLU D 252 13.90 46.24 -1.21
CA GLU D 252 15.34 45.98 -1.40
C GLU D 252 15.76 44.52 -1.34
N TYR D 253 14.81 43.62 -1.04
CA TYR D 253 15.12 42.22 -0.91
C TYR D 253 13.84 41.50 -1.28
N ALA D 254 13.98 40.27 -1.77
CA ALA D 254 12.80 39.54 -2.21
C ALA D 254 13.09 38.05 -2.19
N TYR D 255 12.02 37.25 -2.10
CA TYR D 255 12.18 35.78 -1.98
C TYR D 255 12.16 35.11 -3.35
N LYS D 256 13.24 34.43 -3.74
CA LYS D 256 13.22 33.66 -5.01
C LYS D 256 12.42 32.38 -4.77
N ILE D 257 11.27 32.23 -5.44
CA ILE D 257 10.41 31.03 -5.26
C ILE D 257 11.15 29.81 -5.82
N VAL D 258 11.31 28.75 -5.01
CA VAL D 258 12.06 27.54 -5.46
C VAL D 258 11.27 26.30 -5.04
N LYS D 259 11.50 25.16 -5.71
CA LYS D 259 10.85 23.88 -5.29
C LYS D 259 9.38 24.13 -4.93
N LYS D 260 8.60 24.71 -5.84
CA LYS D 260 7.14 24.89 -5.58
C LYS D 260 6.55 23.55 -5.18
N GLY D 261 5.90 23.48 -4.02
CA GLY D 261 5.33 22.21 -3.53
C GLY D 261 4.12 22.42 -2.63
N ASP D 262 3.23 21.44 -2.55
CA ASP D 262 2.01 21.61 -1.77
C ASP D 262 2.30 21.98 -0.32
N SER D 263 1.57 22.96 0.20
CA SER D 263 1.71 23.41 1.57
C SER D 263 0.44 24.14 1.96
N THR D 264 0.49 24.85 3.09
CA THR D 264 -0.61 25.72 3.52
C THR D 264 -0.05 26.65 4.59
N ILE D 265 -0.95 27.36 5.26
CA ILE D 265 -0.59 28.26 6.36
C ILE D 265 -1.48 27.88 7.54
N MET D 266 -0.90 27.21 8.53
CA MET D 266 -1.61 26.65 9.66
C MET D 266 -1.78 27.71 10.74
N LYS D 267 -2.96 27.76 11.35
CA LYS D 267 -3.28 28.80 12.34
C LYS D 267 -3.58 27.95 13.57
N SER D 268 -2.57 27.74 14.41
CA SER D 268 -2.76 27.10 15.70
C SER D 268 -1.47 27.34 16.45
N GLU D 269 -1.52 27.09 17.76
CA GLU D 269 -0.39 27.32 18.67
C GLU D 269 0.00 25.98 19.26
N LEU D 270 0.81 25.22 18.51
CA LEU D 270 1.18 23.88 18.94
C LEU D 270 2.66 23.63 18.66
N GLU D 271 3.28 22.74 19.44
CA GLU D 271 4.74 22.50 19.31
C GLU D 271 5.06 21.58 18.13
N TYR D 272 6.33 21.18 18.00
CA TYR D 272 6.77 20.33 16.86
C TYR D 272 6.84 18.86 17.30
N GLY D 273 6.48 17.92 16.42
CA GLY D 273 6.47 16.52 16.85
C GLY D 273 7.71 15.80 16.39
N ASN D 274 8.19 14.80 17.15
CA ASN D 274 9.30 13.96 16.63
C ASN D 274 8.70 12.63 16.16
N CYS D 275 7.88 12.63 15.10
CA CYS D 275 7.18 11.37 14.70
C CYS D 275 6.79 11.71 13.25
N ASN D 276 7.24 10.94 12.26
CA ASN D 276 6.89 11.28 10.83
C ASN D 276 5.44 10.78 10.62
N THR D 277 4.46 11.68 10.80
CA THR D 277 3.02 11.31 10.70
C THR D 277 2.43 11.64 9.32
N THR D 278 1.67 10.73 8.72
CA THR D 278 1.17 10.95 7.33
C THR D 278 0.32 12.22 7.23
N CYS D 279 -0.04 12.88 8.35
CA CYS D 279 -0.96 14.04 8.21
C CYS D 279 -0.81 15.07 9.35
N GLN D 280 -1.27 16.30 9.13
CA GLN D 280 -1.30 17.38 10.16
C GLN D 280 -2.52 18.28 9.98
N THR D 281 -3.23 18.55 11.08
CA THR D 281 -4.41 19.46 11.04
C THR D 281 -4.21 20.49 12.14
N PRO D 282 -4.74 21.73 12.01
CA PRO D 282 -4.47 22.78 13.00
C PRO D 282 -4.55 22.24 14.43
N LYS D 283 -5.35 21.20 14.66
CA LYS D 283 -5.55 20.71 16.01
C LYS D 283 -4.74 19.44 16.32
N GLY D 284 -4.05 18.89 15.34
CA GLY D 284 -3.27 17.69 15.59
C GLY D 284 -3.03 16.92 14.29
N ALA D 285 -2.61 15.66 14.43
CA ALA D 285 -2.28 14.84 13.23
C ALA D 285 -3.23 13.65 13.12
N ILE D 286 -3.29 13.02 11.94
CA ILE D 286 -4.15 11.82 11.74
C ILE D 286 -3.46 10.68 10.96
N ASN D 287 -3.45 9.46 11.51
CA ASN D 287 -2.73 8.34 10.85
C ASN D 287 -3.69 7.15 10.66
N THR D 288 -4.95 7.43 10.32
CA THR D 288 -5.96 6.34 10.12
C THR D 288 -6.41 6.33 8.65
N SER D 289 -7.61 5.83 8.38
CA SER D 289 -8.06 5.70 6.97
C SER D 289 -9.54 6.09 6.80
N LEU D 290 -10.23 6.46 7.88
CA LEU D 290 -11.65 6.77 7.73
C LEU D 290 -11.83 7.89 6.72
N PRO D 291 -12.86 7.81 5.86
CA PRO D 291 -12.88 8.68 4.66
C PRO D 291 -12.96 10.17 4.95
N PHE D 292 -13.61 10.61 6.03
CA PHE D 292 -13.89 12.02 6.21
C PHE D 292 -13.52 12.48 7.61
N GLN D 293 -13.33 13.79 7.75
CA GLN D 293 -12.94 14.41 9.01
C GLN D 293 -14.01 15.36 9.53
N ASN D 294 -13.90 15.69 10.81
CA ASN D 294 -14.62 16.80 11.41
C ASN D 294 -13.69 17.79 12.08
N ILE D 295 -12.38 17.54 12.03
CA ILE D 295 -11.38 18.34 12.78
C ILE D 295 -11.25 19.75 12.23
N HIS D 296 -10.83 19.88 10.97
CA HIS D 296 -10.50 21.19 10.42
C HIS D 296 -10.33 21.04 8.92
N PRO D 297 -10.85 21.95 8.06
CA PRO D 297 -10.60 21.86 6.63
C PRO D 297 -9.10 21.93 6.30
N ILE D 298 -8.43 22.99 6.77
CA ILE D 298 -6.98 23.17 6.47
C ILE D 298 -6.24 21.89 6.86
N THR D 299 -5.58 21.24 5.90
CA THR D 299 -4.84 19.98 6.16
C THR D 299 -3.57 19.94 5.30
N ILE D 300 -2.79 18.85 5.39
CA ILE D 300 -1.50 18.76 4.64
C ILE D 300 -1.47 17.47 3.82
N GLY D 301 -1.25 17.57 2.50
CA GLY D 301 -1.10 16.37 1.66
C GLY D 301 -2.10 15.28 2.02
N LYS D 302 -1.61 14.08 2.35
CA LYS D 302 -2.49 12.95 2.72
C LYS D 302 -3.34 13.38 3.93
N CYS D 303 -4.67 13.37 3.78
CA CYS D 303 -5.57 13.85 4.87
C CYS D 303 -7.02 13.64 4.45
N PRO D 304 -7.87 12.94 5.24
CA PRO D 304 -9.26 12.69 4.82
C PRO D 304 -9.98 14.01 4.53
N LYS D 305 -11.07 13.96 3.78
CA LYS D 305 -11.89 15.16 3.43
C LYS D 305 -12.51 15.76 4.71
N TYR D 306 -13.14 16.94 4.60
CA TYR D 306 -13.67 17.62 5.78
C TYR D 306 -15.18 17.73 5.70
N VAL D 307 -15.86 17.32 6.77
CA VAL D 307 -17.31 17.38 6.88
C VAL D 307 -17.66 18.03 8.21
N LYS D 308 -18.73 18.82 8.22
CA LYS D 308 -19.16 19.50 9.43
C LYS D 308 -20.13 18.68 10.28
N SER D 309 -20.35 17.42 9.91
CA SER D 309 -21.33 16.57 10.64
C SER D 309 -20.74 16.17 12.00
N THR D 310 -21.60 15.75 12.92
CA THR D 310 -21.12 15.30 14.25
C THR D 310 -20.91 13.80 14.21
N LYS D 311 -21.61 13.11 13.29
CA LYS D 311 -21.40 11.65 13.13
C LYS D 311 -21.93 11.17 11.78
N LEU D 312 -21.16 10.36 11.06
CA LEU D 312 -21.63 9.79 9.78
C LEU D 312 -21.37 8.29 9.81
N ARG D 313 -22.36 7.50 10.23
CA ARG D 313 -22.21 6.05 10.30
C ARG D 313 -23.21 5.41 9.35
N LEU D 314 -22.70 4.66 8.39
CA LEU D 314 -23.55 3.87 7.52
C LEU D 314 -23.97 2.58 8.24
N ALA D 315 -25.22 2.19 8.05
CA ALA D 315 -25.76 0.98 8.67
C ALA D 315 -25.49 -0.21 7.77
N THR D 316 -24.86 -1.26 8.32
CA THR D 316 -24.52 -2.44 7.56
C THR D 316 -25.03 -3.72 8.21
N GLY D 317 -25.83 -3.64 9.27
CA GLY D 317 -26.29 -4.81 9.98
C GLY D 317 -27.74 -4.69 10.36
N LEU D 318 -28.22 -5.73 11.05
CA LEU D 318 -29.59 -5.81 11.51
C LEU D 318 -29.77 -4.99 12.79
N ARG D 319 -31.03 -4.64 13.09
CA ARG D 319 -31.35 -4.02 14.36
C ARG D 319 -31.01 -4.96 15.51
N ASN D 320 -30.08 -4.54 16.35
CA ASN D 320 -29.58 -5.40 17.43
C ASN D 320 -30.60 -5.43 18.56
N VAL D 321 -31.40 -6.49 18.61
CA VAL D 321 -32.38 -6.67 19.67
C VAL D 321 -32.11 -7.98 20.39
N PRO D 322 -31.33 -7.98 21.46
CA PRO D 322 -31.15 -9.21 22.24
C PRO D 322 -32.40 -9.56 23.02
N SER D 323 -32.59 -10.86 23.24
CA SER D 323 -33.72 -11.43 23.99
C SER D 323 -35.02 -10.61 23.99
C1 NAG E . 17.32 43.13 -19.54
C2 NAG E . 18.49 42.46 -18.80
C3 NAG E . 19.12 41.41 -19.68
C4 NAG E . 18.08 40.41 -20.19
C5 NAG E . 16.94 41.16 -20.88
C6 NAG E . 15.77 40.26 -21.25
C7 NAG E . 19.23 44.53 -17.70
C8 NAG E . 18.49 44.35 -16.41
N2 NAG E . 19.49 43.42 -18.39
O3 NAG E . 20.14 40.74 -18.96
O4 NAG E . 18.72 39.55 -21.13
O5 NAG E . 16.39 42.17 -20.01
O6 NAG E . 14.78 40.98 -21.96
O7 NAG E . 19.59 45.64 -18.10
C1 NAG E . 18.92 40.20 -22.42
C2 NAG E . 18.70 39.24 -23.58
C3 NAG E . 18.61 40.02 -24.89
C4 NAG E . 19.80 40.98 -25.04
C5 NAG E . 19.98 41.86 -23.81
C6 NAG E . 18.89 42.90 -23.61
C7 NAG E . 19.79 37.16 -24.36
C8 NAG E . 21.04 36.35 -24.30
N2 NAG E . 19.77 38.27 -23.61
O3 NAG E . 17.37 40.69 -24.98
O4 NAG E . 20.99 40.21 -25.24
O5 NAG E . 20.02 41.07 -22.60
O6 NAG E . 18.74 43.71 -24.78
O7 NAG E . 18.83 36.83 -25.06
C1 BMA E . 20.98 39.72 -26.59
C2 BMA E . 21.34 40.82 -27.57
C3 BMA E . 21.35 40.29 -28.97
C4 BMA E . 22.29 39.10 -29.07
C5 BMA E . 21.91 38.04 -28.05
C6 BMA E . 22.89 36.89 -27.99
O2 BMA E . 22.59 41.40 -27.22
O3 BMA E . 21.77 41.32 -29.87
O4 BMA E . 22.22 38.54 -30.39
O5 BMA E . 21.88 38.61 -26.73
O6 BMA E . 23.04 36.26 -29.26
C1 NAG F . -32.26 9.72 22.86
C2 NAG F . -31.10 10.02 23.82
C3 NAG F . -30.06 8.91 23.79
C4 NAG F . -30.69 7.52 23.87
C5 NAG F . -31.77 7.40 22.80
C6 NAG F . -32.47 6.07 22.80
C7 NAG F . -30.39 11.89 22.37
C8 NAG F . -31.23 13.12 22.20
N2 NAG F . -30.47 11.30 23.57
O3 NAG F . -29.16 9.13 24.88
O4 NAG F . -29.66 6.57 23.60
O5 NAG F . -32.76 8.40 23.03
O6 NAG F . -32.89 5.71 21.49
O7 NAG F . -29.67 11.46 21.47
C1 NAG F . -29.55 5.65 24.69
C2 NAG F . -29.00 4.29 24.26
C3 NAG F . -28.33 3.62 25.46
C4 NAG F . -27.17 4.47 25.95
C5 NAG F . -27.61 5.93 26.16
C6 NAG F . -26.90 6.91 25.26
C7 NAG F . -30.11 3.21 22.39
C8 NAG F . -31.29 2.39 21.94
N2 NAG F . -30.03 3.45 23.71
O3 NAG F . -27.89 2.33 25.09
O4 NAG F . -26.73 3.96 27.20
O5 NAG F . -29.03 6.11 25.93
O6 NAG F . -26.92 8.22 25.81
O7 NAG F . -29.27 3.63 21.61
C1 NAG G . -17.75 -9.16 21.96
C2 NAG G . -16.78 -9.01 23.13
C3 NAG G . -17.44 -9.47 24.42
C4 NAG G . -17.93 -10.91 24.30
C5 NAG G . -18.71 -11.07 22.99
C6 NAG G . -20.07 -11.71 23.20
C7 NAG G . -14.41 -9.45 23.53
C8 NAG G . -13.51 -10.61 23.83
N2 NAG G . -15.54 -9.74 22.89
O3 NAG G . -18.50 -8.60 24.76
O4 NAG G . -16.83 -11.81 24.28
O5 NAG G . -18.94 -9.79 22.40
O6 NAG G . -20.75 -11.12 24.29
O7 NAG G . -14.10 -8.30 23.84
#